data_2VUE
#
_entry.id   2VUE
#
_cell.length_a   55.090
_cell.length_b   55.540
_cell.length_c   119.830
_cell.angle_alpha   81.22
_cell.angle_beta   90.70
_cell.angle_gamma   65.42
#
_symmetry.space_group_name_H-M   'P 1'
#
loop_
_entity.id
_entity.type
_entity.pdbx_description
1 polymer 'SERUM ALBUMIN'
2 non-polymer 'BILIVERDINE IX ALPHA'
3 water water
#
_entity_poly.entity_id   1
_entity_poly.type   'polypeptide(L)'
_entity_poly.pdbx_seq_one_letter_code
;DAHKSEVAHRFKDLGEENFKALVLIAFAQYLQQCPFEDHVKLVNEVTEFAKTCVADESAENCDKSLHTLFGDKLCTVATL
RETYGEMADCCAKQEPERNECFLQHKDDNPNLPRLVRPEVDVMCTAFHDNEETFLKKYLYEIARRHPYFYAPELLFFAKR
YKAAFTECCQAADKAACLLPKLDELRDEGKASSAKQRLKCASLQKFGERAFKAWAVARLSQRFPKAEFAEVSKLVTDLTK
VHTECCHGDLLECADDRADLAKYICENQDSISSKLKECCEKPLLEKSHCIAEVENDEMPADLPSLAADFVESKDVCKNYA
EAKDVFLGMFLYEYARRHPDYSVVLLLRLAKTYETTLEKCCAAADPHECYAKVFDEFKPLVEEPQNLIKQNCELFEQLGE
YKFQNALLVRYTKKVPQVSTPTLVEVSRNLGKVGSKCCKHPEAKRMPCAEDYLSVVLNQLCVLHEKTPVSDRVTKCCTES
LVNRRPCFSALEVDETYVPKEFNAETFTFHADICTLSEKERQIKKQTALVELVKHKPKATKEQLKAVMDDFAAFVEKCCK
ADDKETCFAEEGKKLVAASQAALGL
;
_entity_poly.pdbx_strand_id   A,B
#
loop_
_chem_comp.id
_chem_comp.type
_chem_comp.name
_chem_comp.formula
BLA non-polymer 'BILIVERDINE IX ALPHA' 'C33 H34 N4 O6'
#
# COMPACT_ATOMS: atom_id res chain seq x y z
N SER A 5 4.70 46.78 22.15
CA SER A 5 4.33 46.64 20.70
C SER A 5 3.27 45.56 20.51
N GLU A 6 2.10 45.98 20.00
CA GLU A 6 0.99 45.07 19.78
C GLU A 6 1.29 44.14 18.59
N VAL A 7 1.92 44.69 17.56
CA VAL A 7 2.26 43.90 16.38
C VAL A 7 3.24 42.80 16.71
N ALA A 8 4.17 43.08 17.62
CA ALA A 8 5.17 42.09 18.01
C ALA A 8 4.54 40.99 18.87
N HIS A 9 3.68 41.41 19.78
CA HIS A 9 2.99 40.51 20.70
C HIS A 9 2.21 39.40 19.99
N ARG A 10 1.44 39.78 18.98
CA ARG A 10 0.62 38.83 18.23
C ARG A 10 1.46 37.91 17.34
N PHE A 11 2.60 38.43 16.88
CA PHE A 11 3.50 37.67 16.03
C PHE A 11 4.06 36.46 16.77
N LYS A 12 4.59 36.69 17.98
CA LYS A 12 5.16 35.63 18.78
C LYS A 12 4.09 34.61 19.19
N ASP A 13 2.91 35.12 19.51
CA ASP A 13 1.79 34.27 19.92
C ASP A 13 1.30 33.31 18.85
N LEU A 14 1.04 33.85 17.66
CA LEU A 14 0.51 33.07 16.54
C LEU A 14 1.58 32.37 15.69
N GLY A 15 2.78 32.92 15.71
CA GLY A 15 3.85 32.35 14.93
C GLY A 15 4.03 33.18 13.68
N GLU A 16 4.71 32.63 12.68
CA GLU A 16 4.95 33.33 11.43
C GLU A 16 3.97 32.96 10.32
N GLU A 17 3.75 31.66 10.16
CA GLU A 17 2.85 31.16 9.13
C GLU A 17 1.38 31.54 9.35
N ASN A 18 0.90 31.38 10.58
CA ASN A 18 -0.48 31.73 10.87
C ASN A 18 -0.64 33.24 10.83
N PHE A 19 0.41 33.95 11.25
CA PHE A 19 0.41 35.42 11.26
C PHE A 19 0.19 35.91 9.84
N LYS A 20 0.99 35.40 8.91
CA LYS A 20 0.90 35.80 7.51
C LYS A 20 -0.45 35.47 6.90
N ALA A 21 -0.99 34.31 7.24
CA ALA A 21 -2.28 33.87 6.72
C ALA A 21 -3.42 34.77 7.18
N LEU A 22 -3.39 35.14 8.45
CA LEU A 22 -4.43 35.99 9.03
C LEU A 22 -4.42 37.41 8.52
N VAL A 23 -3.25 37.96 8.22
CA VAL A 23 -3.17 39.34 7.69
C VAL A 23 -3.69 39.32 6.26
N LEU A 24 -3.38 38.24 5.55
CA LEU A 24 -3.83 38.10 4.19
C LEU A 24 -5.37 38.12 4.17
N ILE A 25 -5.96 37.33 5.06
CA ILE A 25 -7.43 37.24 5.17
C ILE A 25 -8.05 38.60 5.51
N ALA A 26 -7.48 39.27 6.53
CA ALA A 26 -7.95 40.58 6.97
C ALA A 26 -7.90 41.59 5.83
N PHE A 27 -6.83 41.53 5.03
CA PHE A 27 -6.68 42.44 3.92
C PHE A 27 -7.59 42.08 2.76
N ALA A 28 -7.77 40.79 2.53
CA ALA A 28 -8.64 40.32 1.45
C ALA A 28 -10.10 40.70 1.74
N GLN A 29 -10.50 40.68 3.00
CA GLN A 29 -11.89 41.04 3.30
C GLN A 29 -12.11 42.50 3.67
N TYR A 30 -11.16 43.35 3.30
CA TYR A 30 -11.26 44.79 3.53
C TYR A 30 -11.32 45.42 2.14
N LEU A 31 -10.51 44.88 1.23
CA LEU A 31 -10.47 45.35 -0.16
C LEU A 31 -10.68 44.17 -1.08
N GLN A 32 -11.92 43.70 -1.14
CA GLN A 32 -12.29 42.55 -1.92
C GLN A 32 -12.09 42.66 -3.43
N GLN A 33 -11.96 43.86 -3.95
CA GLN A 33 -11.80 44.02 -5.40
C GLN A 33 -10.35 44.02 -5.91
N CYS A 34 -9.40 44.43 -5.08
CA CYS A 34 -8.00 44.47 -5.49
C CYS A 34 -7.40 43.09 -5.83
N PRO A 35 -6.39 43.07 -6.72
CA PRO A 35 -5.74 41.83 -7.15
C PRO A 35 -4.90 41.13 -6.07
N PHE A 36 -4.66 39.85 -6.28
CA PHE A 36 -3.89 39.02 -5.38
C PHE A 36 -2.51 39.62 -5.08
N GLU A 37 -1.71 39.83 -6.12
CA GLU A 37 -0.38 40.39 -5.97
C GLU A 37 -0.28 41.60 -5.04
N ASP A 38 -1.29 42.46 -5.07
CA ASP A 38 -1.31 43.66 -4.22
C ASP A 38 -1.40 43.29 -2.75
N HIS A 39 -2.24 42.32 -2.42
CA HIS A 39 -2.36 41.91 -1.04
C HIS A 39 -1.09 41.19 -0.65
N VAL A 40 -0.65 40.29 -1.53
CA VAL A 40 0.58 39.54 -1.28
C VAL A 40 1.73 40.51 -0.96
N LYS A 41 1.84 41.57 -1.75
CA LYS A 41 2.89 42.56 -1.55
C LYS A 41 2.76 43.23 -0.19
N LEU A 42 1.56 43.69 0.12
CA LEU A 42 1.28 44.37 1.39
C LEU A 42 1.50 43.44 2.59
N VAL A 43 1.16 42.17 2.45
CA VAL A 43 1.34 41.22 3.55
C VAL A 43 2.81 41.09 3.94
N ASN A 44 3.67 40.81 2.96
CA ASN A 44 5.10 40.67 3.20
C ASN A 44 5.68 41.93 3.84
N GLU A 45 5.35 43.08 3.28
CA GLU A 45 5.82 44.34 3.85
C GLU A 45 5.52 44.39 5.34
N VAL A 46 4.27 44.11 5.69
CA VAL A 46 3.84 44.12 7.09
C VAL A 46 4.62 43.14 7.95
N THR A 47 4.82 41.93 7.43
CA THR A 47 5.52 40.87 8.14
C THR A 47 6.97 41.26 8.46
N GLU A 48 7.62 41.90 7.48
CA GLU A 48 9.00 42.34 7.68
C GLU A 48 9.02 43.38 8.78
N PHE A 49 8.04 44.28 8.75
CA PHE A 49 7.93 45.34 9.74
C PHE A 49 7.65 44.75 11.11
N ALA A 50 7.11 43.53 11.11
CA ALA A 50 6.79 42.84 12.34
C ALA A 50 8.07 42.23 12.90
N LYS A 51 8.91 41.74 12.01
CA LYS A 51 10.18 41.13 12.38
C LYS A 51 11.13 42.16 12.97
N THR A 52 11.18 43.35 12.37
CA THR A 52 12.05 44.40 12.86
C THR A 52 11.51 44.95 14.18
N CYS A 53 10.25 44.63 14.49
CA CYS A 53 9.63 45.08 15.73
C CYS A 53 9.84 44.08 16.86
N VAL A 54 10.17 42.85 16.48
CA VAL A 54 10.42 41.80 17.45
C VAL A 54 11.75 42.07 18.13
N ALA A 55 12.75 42.47 17.34
CA ALA A 55 14.08 42.76 17.86
C ALA A 55 14.06 44.06 18.64
N ASP A 56 13.81 45.16 17.93
CA ASP A 56 13.76 46.47 18.58
C ASP A 56 12.30 46.83 18.83
N GLU A 57 11.82 46.50 20.03
CA GLU A 57 10.45 46.75 20.41
C GLU A 57 10.13 48.24 20.57
N SER A 58 10.75 49.06 19.73
CA SER A 58 10.53 50.50 19.73
C SER A 58 11.13 51.13 18.47
N ALA A 59 11.10 50.39 17.38
CA ALA A 59 11.63 50.84 16.10
C ALA A 59 10.78 51.93 15.43
N GLU A 60 10.57 51.79 14.12
CA GLU A 60 9.79 52.74 13.32
C GLU A 60 8.52 53.21 14.02
N ASN A 61 7.50 52.35 14.01
CA ASN A 61 6.23 52.66 14.65
C ASN A 61 5.66 51.37 15.24
N CYS A 62 6.48 50.67 15.99
CA CYS A 62 6.07 49.41 16.61
C CYS A 62 5.12 49.69 17.78
N ASP A 63 4.80 50.96 17.97
CA ASP A 63 3.89 51.38 19.03
C ASP A 63 2.48 51.54 18.45
N LYS A 64 2.41 51.93 17.18
CA LYS A 64 1.13 52.09 16.49
C LYS A 64 0.29 50.83 16.64
N SER A 65 -1.03 51.00 16.72
CA SER A 65 -1.94 49.85 16.87
C SER A 65 -2.06 49.10 15.56
N LEU A 66 -2.56 47.86 15.64
CA LEU A 66 -2.75 47.01 14.47
C LEU A 66 -3.62 47.76 13.48
N HIS A 67 -4.63 48.46 14.00
CA HIS A 67 -5.51 49.23 13.15
C HIS A 67 -4.73 50.18 12.25
N THR A 68 -4.05 51.15 12.87
CA THR A 68 -3.26 52.15 12.13
C THR A 68 -2.36 51.57 11.04
N LEU A 69 -1.52 50.60 11.42
CA LEU A 69 -0.59 49.97 10.47
C LEU A 69 -1.34 49.36 9.28
N PHE A 70 -2.28 48.47 9.59
CA PHE A 70 -3.07 47.82 8.57
C PHE A 70 -3.79 48.87 7.72
N GLY A 71 -4.28 49.90 8.39
CA GLY A 71 -5.00 50.96 7.72
C GLY A 71 -4.15 51.73 6.71
N ASP A 72 -2.97 52.17 7.15
CA ASP A 72 -2.09 52.92 6.28
C ASP A 72 -1.61 52.07 5.10
N LYS A 73 -1.43 50.77 5.35
CA LYS A 73 -0.97 49.83 4.33
C LYS A 73 -1.96 49.68 3.17
N LEU A 74 -3.26 49.55 3.48
CA LEU A 74 -4.27 49.39 2.45
C LEU A 74 -4.45 50.67 1.67
N CYS A 75 -4.20 51.79 2.34
CA CYS A 75 -4.35 53.09 1.71
C CYS A 75 -3.25 53.40 0.70
N THR A 76 -2.62 52.35 0.18
CA THR A 76 -1.56 52.51 -0.81
C THR A 76 -2.00 51.84 -2.09
N VAL A 77 -3.24 51.36 -2.11
CA VAL A 77 -3.80 50.68 -3.29
C VAL A 77 -5.30 50.93 -3.46
N ALA A 78 -5.88 51.80 -2.62
CA ALA A 78 -7.30 52.11 -2.71
C ALA A 78 -7.52 53.35 -3.54
N ASP A 89 -12.36 57.77 -0.19
CA ASP A 89 -13.16 58.30 0.89
C ASP A 89 -12.64 57.82 2.23
N CYS A 90 -12.77 56.52 2.46
CA CYS A 90 -12.34 55.89 3.70
C CYS A 90 -10.95 56.24 4.19
N CYS A 91 -9.99 56.29 3.28
CA CYS A 91 -8.62 56.60 3.66
C CYS A 91 -8.41 58.06 4.00
N ALA A 92 -9.35 58.89 3.59
CA ALA A 92 -9.27 60.32 3.86
C ALA A 92 -9.78 60.60 5.28
N LYS A 93 -10.02 59.54 6.07
CA LYS A 93 -10.51 59.64 7.48
C LYS A 93 -9.40 59.45 8.52
N GLN A 94 -9.70 59.57 9.84
CA GLN A 94 -8.63 59.38 10.83
C GLN A 94 -8.61 58.00 11.54
N GLU A 95 -7.87 57.85 12.66
CA GLU A 95 -7.79 56.45 13.10
C GLU A 95 -8.89 55.83 13.92
N PRO A 96 -9.75 56.41 14.73
CA PRO A 96 -10.68 55.35 15.08
C PRO A 96 -11.53 55.03 13.84
N GLU A 97 -12.39 55.96 13.47
CA GLU A 97 -13.38 55.73 12.43
C GLU A 97 -12.85 55.49 11.04
N ARG A 98 -11.60 55.70 10.75
CA ARG A 98 -11.29 55.38 9.38
C ARG A 98 -11.40 53.87 9.18
N ASN A 99 -11.34 53.15 10.31
CA ASN A 99 -11.49 51.71 10.31
C ASN A 99 -12.97 51.36 10.12
N GLU A 100 -13.81 51.98 10.93
CA GLU A 100 -15.25 51.74 10.86
C GLU A 100 -15.73 51.98 9.43
N CYS A 101 -15.02 52.84 8.71
CA CYS A 101 -15.37 53.14 7.32
C CYS A 101 -15.21 51.89 6.46
N PHE A 102 -14.08 51.21 6.62
CA PHE A 102 -13.78 50.00 5.88
C PHE A 102 -14.80 48.91 6.17
N LEU A 103 -15.04 48.66 7.45
CA LEU A 103 -16.01 47.65 7.85
C LEU A 103 -17.36 47.88 7.19
N GLN A 104 -17.73 49.15 7.07
CA GLN A 104 -19.02 49.51 6.49
C GLN A 104 -19.09 49.23 4.99
N HIS A 105 -17.94 49.04 4.35
CA HIS A 105 -17.96 48.77 2.91
C HIS A 105 -17.70 47.34 2.49
N LYS A 106 -17.75 46.41 3.44
CA LYS A 106 -17.59 45.01 3.11
C LYS A 106 -18.83 44.65 2.30
N ASP A 107 -18.64 44.03 1.14
CA ASP A 107 -19.76 43.67 0.30
C ASP A 107 -20.11 42.20 0.48
N ASP A 108 -21.32 41.92 0.95
CA ASP A 108 -21.78 40.55 1.17
C ASP A 108 -22.05 39.77 -0.12
N ASN A 109 -22.26 40.48 -1.21
CA ASN A 109 -22.51 39.84 -2.49
C ASN A 109 -21.65 40.56 -3.51
N PRO A 110 -20.32 40.43 -3.39
CA PRO A 110 -19.35 41.07 -4.29
C PRO A 110 -19.63 40.77 -5.74
N ASN A 111 -19.21 41.66 -6.61
CA ASN A 111 -19.40 41.44 -8.03
C ASN A 111 -18.10 40.81 -8.51
N LEU A 112 -17.92 39.53 -8.22
CA LEU A 112 -16.72 38.83 -8.62
C LEU A 112 -16.98 37.65 -9.56
N PRO A 113 -16.03 37.38 -10.47
CA PRO A 113 -16.04 36.30 -11.47
C PRO A 113 -16.25 34.90 -10.89
N ARG A 114 -17.16 34.15 -11.49
CA ARG A 114 -17.43 32.79 -11.03
C ARG A 114 -16.14 31.97 -11.08
N LEU A 115 -15.61 31.63 -9.92
CA LEU A 115 -14.38 30.84 -9.85
C LEU A 115 -14.67 29.41 -10.28
N VAL A 116 -13.90 28.92 -11.25
CA VAL A 116 -14.07 27.57 -11.76
C VAL A 116 -12.76 26.77 -11.69
N ARG A 117 -12.85 25.54 -11.20
CA ARG A 117 -11.69 24.66 -11.05
C ARG A 117 -11.27 24.01 -12.37
N PRO A 118 -9.99 24.15 -12.75
CA PRO A 118 -9.47 23.56 -13.99
C PRO A 118 -9.46 22.04 -13.84
N GLU A 119 -8.81 21.34 -14.76
CA GLU A 119 -8.75 19.89 -14.65
C GLU A 119 -7.80 19.57 -13.50
N VAL A 120 -7.99 18.40 -12.90
CA VAL A 120 -7.17 17.97 -11.77
C VAL A 120 -5.66 18.03 -12.02
N ASP A 121 -5.26 17.90 -13.28
CA ASP A 121 -3.85 17.92 -13.63
C ASP A 121 -3.22 19.31 -13.54
N VAL A 122 -4.00 20.35 -13.79
CA VAL A 122 -3.46 21.70 -13.72
C VAL A 122 -3.35 22.15 -12.26
N MET A 123 -4.20 21.59 -11.41
CA MET A 123 -4.20 21.92 -9.99
C MET A 123 -3.03 21.28 -9.27
N CYS A 124 -2.85 19.98 -9.47
CA CYS A 124 -1.75 19.27 -8.83
C CYS A 124 -0.38 19.85 -9.17
N THR A 125 -0.23 20.34 -10.40
CA THR A 125 1.04 20.93 -10.85
C THR A 125 1.26 22.20 -10.05
N ALA A 126 0.25 23.06 -10.05
CA ALA A 126 0.28 24.34 -9.34
C ALA A 126 0.56 24.11 -7.86
N PHE A 127 -0.06 23.08 -7.30
CA PHE A 127 0.13 22.75 -5.89
C PHE A 127 1.56 22.22 -5.64
N HIS A 128 2.05 21.38 -6.54
CA HIS A 128 3.40 20.82 -6.37
C HIS A 128 4.51 21.83 -6.62
N ASP A 129 4.38 22.65 -7.66
CA ASP A 129 5.37 23.66 -7.98
C ASP A 129 5.56 24.64 -6.82
N ASN A 130 4.60 25.54 -6.62
CA ASN A 130 4.67 26.49 -5.50
C ASN A 130 3.50 26.14 -4.57
N GLU A 131 3.82 25.59 -3.41
CA GLU A 131 2.81 25.19 -2.44
C GLU A 131 2.26 26.35 -1.61
N GLU A 132 3.14 27.23 -1.15
CA GLU A 132 2.74 28.37 -0.35
C GLU A 132 1.84 29.31 -1.15
N THR A 133 2.10 29.43 -2.45
CA THR A 133 1.32 30.29 -3.33
C THR A 133 -0.06 29.73 -3.61
N PHE A 134 -0.11 28.43 -3.85
CA PHE A 134 -1.36 27.73 -4.13
C PHE A 134 -2.30 27.84 -2.91
N LEU A 135 -1.72 27.98 -1.72
CA LEU A 135 -2.50 28.09 -0.49
C LEU A 135 -2.95 29.52 -0.20
N LYS A 136 -2.05 30.47 -0.41
CA LYS A 136 -2.37 31.87 -0.20
C LYS A 136 -3.51 32.29 -1.10
N LYS A 137 -3.60 31.68 -2.28
CA LYS A 137 -4.64 31.99 -3.25
C LYS A 137 -6.00 31.44 -2.81
N TYR A 138 -5.97 30.32 -2.10
CA TYR A 138 -7.17 29.68 -1.57
C TYR A 138 -7.79 30.65 -0.57
N LEU A 139 -6.99 31.08 0.41
CA LEU A 139 -7.45 32.02 1.43
C LEU A 139 -7.97 33.33 0.83
N TYR A 140 -7.26 33.84 -0.16
CA TYR A 140 -7.61 35.09 -0.82
C TYR A 140 -8.96 34.98 -1.57
N GLU A 141 -9.14 33.92 -2.35
CA GLU A 141 -10.38 33.74 -3.10
C GLU A 141 -11.56 33.48 -2.18
N ILE A 142 -11.33 32.82 -1.06
CA ILE A 142 -12.39 32.54 -0.12
C ILE A 142 -12.68 33.75 0.76
N ALA A 143 -11.64 34.43 1.23
CA ALA A 143 -11.84 35.58 2.09
C ALA A 143 -12.51 36.77 1.40
N ARG A 144 -12.19 37.01 0.13
CA ARG A 144 -12.75 38.16 -0.57
C ARG A 144 -14.23 37.97 -0.95
N ARG A 145 -14.69 36.72 -0.97
CA ARG A 145 -16.10 36.46 -1.30
C ARG A 145 -16.95 36.27 -0.03
N HIS A 146 -16.29 36.04 1.11
CA HIS A 146 -16.98 35.84 2.38
C HIS A 146 -16.26 36.67 3.42
N PRO A 147 -16.45 38.00 3.37
CA PRO A 147 -15.85 39.00 4.25
C PRO A 147 -16.07 38.86 5.74
N TYR A 148 -17.00 37.98 6.13
CA TYR A 148 -17.24 37.77 7.55
C TYR A 148 -16.86 36.33 7.94
N PHE A 149 -16.23 35.61 7.01
CA PHE A 149 -15.83 34.25 7.30
C PHE A 149 -15.02 34.23 8.58
N TYR A 150 -15.33 33.29 9.48
CA TYR A 150 -14.60 33.15 10.76
C TYR A 150 -13.16 32.77 10.49
N ALA A 151 -12.30 33.80 10.50
CA ALA A 151 -10.87 33.69 10.24
C ALA A 151 -10.14 32.45 10.78
N PRO A 152 -10.20 32.19 12.09
CA PRO A 152 -9.50 31.02 12.63
C PRO A 152 -9.92 29.72 11.97
N GLU A 153 -11.20 29.61 11.61
CA GLU A 153 -11.71 28.40 10.96
C GLU A 153 -11.22 28.31 9.52
N LEU A 154 -10.98 29.46 8.89
CA LEU A 154 -10.51 29.45 7.50
C LEU A 154 -9.14 28.81 7.46
N LEU A 155 -8.45 28.84 8.59
CA LEU A 155 -7.11 28.26 8.68
C LEU A 155 -7.24 26.77 8.78
N PHE A 156 -8.27 26.33 9.50
CA PHE A 156 -8.54 24.91 9.67
C PHE A 156 -8.90 24.32 8.30
N PHE A 157 -9.79 24.97 7.55
CA PHE A 157 -10.17 24.47 6.24
C PHE A 157 -8.97 24.44 5.28
N ALA A 158 -8.06 25.42 5.43
CA ALA A 158 -6.87 25.52 4.59
C ALA A 158 -6.00 24.29 4.78
N LYS A 159 -5.90 23.84 6.01
CA LYS A 159 -5.12 22.65 6.30
C LYS A 159 -5.79 21.46 5.61
N ARG A 160 -7.10 21.30 5.81
CA ARG A 160 -7.80 20.19 5.20
C ARG A 160 -7.70 20.20 3.67
N TYR A 161 -7.66 21.40 3.11
CA TYR A 161 -7.54 21.58 1.66
C TYR A 161 -6.17 21.03 1.25
N LYS A 162 -5.13 21.47 1.95
CA LYS A 162 -3.76 21.05 1.69
C LYS A 162 -3.68 19.51 1.73
N ALA A 163 -4.36 18.91 2.70
CA ALA A 163 -4.36 17.45 2.85
C ALA A 163 -5.08 16.77 1.69
N ALA A 164 -6.09 17.44 1.14
CA ALA A 164 -6.82 16.86 0.03
C ALA A 164 -5.88 16.73 -1.15
N PHE A 165 -5.11 17.79 -1.42
CA PHE A 165 -4.16 17.80 -2.53
C PHE A 165 -2.94 16.91 -2.31
N THR A 166 -2.36 16.99 -1.12
CA THR A 166 -1.19 16.19 -0.79
C THR A 166 -1.46 14.71 -1.00
N GLU A 167 -2.63 14.26 -0.55
CA GLU A 167 -3.02 12.85 -0.66
C GLU A 167 -3.48 12.41 -2.04
N CYS A 168 -4.40 13.18 -2.63
CA CYS A 168 -4.96 12.85 -3.94
C CYS A 168 -4.05 13.03 -5.15
N CYS A 169 -3.19 14.02 -5.11
CA CYS A 169 -2.28 14.27 -6.23
C CYS A 169 -1.19 13.20 -6.35
N GLN A 170 -1.42 12.04 -5.75
CA GLN A 170 -0.44 10.96 -5.81
C GLN A 170 -1.11 9.64 -6.17
N ALA A 171 -2.39 9.52 -5.84
CA ALA A 171 -3.12 8.28 -6.10
C ALA A 171 -3.50 8.02 -7.57
N ALA A 172 -4.19 6.89 -7.77
CA ALA A 172 -4.64 6.47 -9.09
C ALA A 172 -5.51 7.54 -9.70
N ASP A 173 -6.82 7.44 -9.46
CA ASP A 173 -7.72 8.43 -10.01
C ASP A 173 -7.72 9.67 -9.13
N LYS A 174 -6.84 10.60 -9.46
CA LYS A 174 -6.72 11.85 -8.71
C LYS A 174 -8.10 12.51 -8.58
N ALA A 175 -8.79 12.69 -9.70
CA ALA A 175 -10.11 13.31 -9.71
C ALA A 175 -11.07 12.63 -8.73
N ALA A 176 -11.22 11.32 -8.86
CA ALA A 176 -12.11 10.56 -8.00
C ALA A 176 -11.73 10.64 -6.54
N CYS A 177 -10.59 11.26 -6.26
CA CYS A 177 -10.10 11.41 -4.90
C CYS A 177 -10.17 12.87 -4.43
N LEU A 178 -10.00 13.81 -5.35
CA LEU A 178 -10.02 15.22 -5.01
C LEU A 178 -11.38 15.93 -5.17
N LEU A 179 -11.98 15.84 -6.35
CA LEU A 179 -13.26 16.48 -6.60
C LEU A 179 -14.30 16.29 -5.49
N PRO A 180 -14.45 15.05 -4.97
CA PRO A 180 -15.42 14.79 -3.90
C PRO A 180 -15.10 15.52 -2.59
N LYS A 181 -13.84 15.49 -2.18
CA LYS A 181 -13.41 16.14 -0.94
C LYS A 181 -13.42 17.67 -1.04
N LEU A 182 -13.22 18.19 -2.25
CA LEU A 182 -13.23 19.63 -2.46
C LEU A 182 -14.67 20.12 -2.44
N ASP A 183 -15.61 19.21 -2.66
CA ASP A 183 -17.03 19.57 -2.67
C ASP A 183 -17.57 19.54 -1.24
N GLU A 184 -17.14 18.53 -0.49
CA GLU A 184 -17.51 18.38 0.89
C GLU A 184 -16.98 19.60 1.63
N LEU A 185 -15.84 20.13 1.16
CA LEU A 185 -15.22 21.31 1.77
C LEU A 185 -16.00 22.57 1.41
N ARG A 186 -16.26 22.76 0.13
CA ARG A 186 -16.98 23.94 -0.35
C ARG A 186 -18.32 24.08 0.35
N ASP A 187 -19.01 22.96 0.56
CA ASP A 187 -20.32 22.97 1.21
C ASP A 187 -20.19 23.32 2.69
N GLU A 188 -19.37 22.56 3.40
CA GLU A 188 -19.15 22.81 4.82
C GLU A 188 -18.69 24.25 5.01
N GLY A 189 -18.06 24.80 3.98
CA GLY A 189 -17.59 26.17 4.06
C GLY A 189 -18.70 27.19 3.95
N LYS A 190 -19.66 26.95 3.05
CA LYS A 190 -20.75 27.88 2.89
C LYS A 190 -21.64 27.93 4.15
N ALA A 191 -21.83 26.77 4.77
CA ALA A 191 -22.63 26.68 5.98
C ALA A 191 -21.91 27.44 7.10
N SER A 192 -20.60 27.24 7.22
CA SER A 192 -19.80 27.89 8.24
C SER A 192 -19.88 29.43 8.06
N SER A 193 -19.76 29.88 6.82
CA SER A 193 -19.84 31.30 6.51
C SER A 193 -21.21 31.89 6.91
N ALA A 194 -22.30 31.18 6.61
CA ALA A 194 -23.65 31.67 6.93
C ALA A 194 -23.83 31.77 8.43
N LYS A 195 -23.47 30.69 9.16
CA LYS A 195 -23.54 30.67 10.62
C LYS A 195 -22.77 31.86 11.23
N GLN A 196 -21.56 32.10 10.71
CA GLN A 196 -20.78 33.22 11.23
C GLN A 196 -21.39 34.59 10.87
N ARG A 197 -21.97 34.71 9.68
CA ARG A 197 -22.59 35.99 9.27
C ARG A 197 -23.72 36.36 10.23
N LEU A 198 -24.40 35.36 10.77
CA LEU A 198 -25.48 35.61 11.70
C LEU A 198 -24.91 36.10 13.04
N LYS A 199 -23.88 35.44 13.56
CA LYS A 199 -23.25 35.85 14.81
C LYS A 199 -22.78 37.29 14.73
N CYS A 200 -22.24 37.68 13.56
CA CYS A 200 -21.79 39.05 13.36
C CYS A 200 -22.96 40.00 13.23
N ALA A 201 -24.07 39.53 12.68
CA ALA A 201 -25.24 40.40 12.56
C ALA A 201 -25.86 40.65 13.92
N SER A 202 -25.86 39.63 14.79
CA SER A 202 -26.40 39.75 16.13
C SER A 202 -25.64 40.81 16.88
N LEU A 203 -24.32 40.65 16.95
CA LEU A 203 -23.44 41.57 17.64
C LEU A 203 -23.57 42.99 17.11
N GLN A 204 -23.56 43.13 15.80
CA GLN A 204 -23.63 44.43 15.14
C GLN A 204 -24.97 45.15 15.02
N LYS A 205 -26.08 44.42 14.91
CA LYS A 205 -27.36 45.11 14.77
C LYS A 205 -28.19 45.07 16.06
N PHE A 206 -28.00 44.00 16.85
CA PHE A 206 -28.80 43.87 18.07
C PHE A 206 -28.04 44.10 19.38
N GLY A 207 -26.72 43.95 19.38
CA GLY A 207 -25.96 44.18 20.60
C GLY A 207 -25.39 42.93 21.23
N GLU A 208 -24.39 43.09 22.08
CA GLU A 208 -23.77 41.93 22.70
C GLU A 208 -24.70 41.19 23.65
N ARG A 209 -25.69 41.89 24.18
CA ARG A 209 -26.62 41.21 25.08
C ARG A 209 -27.43 40.15 24.32
N ALA A 210 -27.74 40.41 23.07
CA ALA A 210 -28.51 39.47 22.25
C ALA A 210 -27.62 38.27 21.92
N PHE A 211 -26.33 38.52 21.79
CA PHE A 211 -25.37 37.47 21.48
C PHE A 211 -25.12 36.60 22.69
N LYS A 212 -24.99 37.22 23.86
CA LYS A 212 -24.75 36.46 25.09
C LYS A 212 -25.93 35.56 25.42
N ALA A 213 -27.15 36.04 25.18
CA ALA A 213 -28.33 35.23 25.44
C ALA A 213 -28.29 34.01 24.54
N TRP A 214 -27.88 34.22 23.30
CA TRP A 214 -27.77 33.13 22.36
C TRP A 214 -26.73 32.09 22.85
N ALA A 215 -25.54 32.54 23.22
CA ALA A 215 -24.49 31.62 23.72
C ALA A 215 -24.89 30.88 25.00
N VAL A 216 -25.40 31.61 26.00
CA VAL A 216 -25.79 30.97 27.24
C VAL A 216 -26.74 29.81 26.93
N ALA A 217 -27.72 30.06 26.08
CA ALA A 217 -28.67 29.03 25.69
C ALA A 217 -27.98 27.89 24.94
N ARG A 218 -27.20 28.21 23.91
CA ARG A 218 -26.53 27.17 23.15
C ARG A 218 -25.54 26.34 23.99
N LEU A 219 -24.71 27.01 24.80
CA LEU A 219 -23.72 26.28 25.61
C LEU A 219 -24.38 25.48 26.71
N SER A 220 -25.51 25.94 27.23
CA SER A 220 -26.17 25.19 28.28
C SER A 220 -26.69 23.86 27.73
N GLN A 221 -27.11 23.85 26.47
CA GLN A 221 -27.60 22.60 25.87
C GLN A 221 -26.45 21.64 25.61
N ARG A 222 -25.31 22.19 25.25
CA ARG A 222 -24.12 21.42 24.95
C ARG A 222 -23.41 20.88 26.21
N PHE A 223 -23.42 21.67 27.28
CA PHE A 223 -22.78 21.30 28.54
C PHE A 223 -23.74 21.41 29.74
N PRO A 224 -24.71 20.49 29.84
CA PRO A 224 -25.69 20.48 30.94
C PRO A 224 -25.10 20.30 32.33
N LYS A 225 -23.95 19.62 32.41
CA LYS A 225 -23.32 19.38 33.71
C LYS A 225 -22.51 20.57 34.19
N ALA A 226 -22.25 21.52 33.31
CA ALA A 226 -21.49 22.69 33.69
C ALA A 226 -22.37 23.51 34.62
N GLU A 227 -21.79 24.40 35.40
CA GLU A 227 -22.61 25.20 36.30
C GLU A 227 -22.75 26.60 35.76
N PHE A 228 -23.83 27.27 36.13
CA PHE A 228 -24.06 28.61 35.64
C PHE A 228 -22.80 29.47 35.63
N ALA A 229 -22.02 29.40 36.70
CA ALA A 229 -20.82 30.21 36.80
C ALA A 229 -19.76 29.85 35.78
N GLU A 230 -19.71 28.59 35.39
CA GLU A 230 -18.71 28.17 34.41
C GLU A 230 -19.18 28.61 33.02
N VAL A 231 -20.44 28.29 32.72
CA VAL A 231 -21.04 28.68 31.45
C VAL A 231 -20.93 30.19 31.25
N SER A 232 -21.16 30.96 32.31
CA SER A 232 -21.09 32.42 32.23
C SER A 232 -19.71 32.91 31.85
N LYS A 233 -18.69 32.18 32.28
CA LYS A 233 -17.31 32.57 31.98
C LYS A 233 -17.04 32.26 30.50
N LEU A 234 -17.49 31.10 30.06
CA LEU A 234 -17.31 30.68 28.68
C LEU A 234 -17.97 31.67 27.73
N VAL A 235 -19.22 32.01 28.02
CA VAL A 235 -19.96 32.95 27.19
C VAL A 235 -19.23 34.28 27.09
N THR A 236 -18.75 34.79 28.21
CA THR A 236 -18.00 36.04 28.23
C THR A 236 -16.79 36.03 27.30
N ASP A 237 -16.01 34.95 27.35
CA ASP A 237 -14.82 34.85 26.50
C ASP A 237 -15.18 34.71 25.02
N LEU A 238 -16.10 33.78 24.74
CA LEU A 238 -16.57 33.51 23.39
C LEU A 238 -17.10 34.79 22.74
N THR A 239 -17.71 35.66 23.55
CA THR A 239 -18.25 36.92 23.07
C THR A 239 -17.16 37.88 22.59
N LYS A 240 -16.04 37.87 23.30
CA LYS A 240 -14.92 38.74 22.96
C LYS A 240 -14.30 38.25 21.65
N VAL A 241 -14.13 36.93 21.55
CA VAL A 241 -13.56 36.31 20.36
C VAL A 241 -14.36 36.75 19.14
N HIS A 242 -15.67 36.61 19.23
CA HIS A 242 -16.54 36.99 18.13
C HIS A 242 -16.68 38.50 17.96
N THR A 243 -16.59 39.25 19.05
CA THR A 243 -16.69 40.69 18.90
C THR A 243 -15.51 41.13 18.05
N GLU A 244 -14.34 40.56 18.34
CA GLU A 244 -13.13 40.88 17.62
C GLU A 244 -13.11 40.40 16.17
N CYS A 245 -13.40 39.11 15.95
CA CYS A 245 -13.39 38.62 14.59
C CYS A 245 -14.34 39.42 13.70
N CYS A 246 -15.56 39.64 14.17
CA CYS A 246 -16.56 40.38 13.41
C CYS A 246 -16.21 41.86 13.18
N HIS A 247 -15.20 42.36 13.90
CA HIS A 247 -14.80 43.78 13.75
C HIS A 247 -13.51 43.95 12.96
N GLY A 248 -12.93 42.85 12.50
CA GLY A 248 -11.70 42.92 11.73
C GLY A 248 -10.41 42.74 12.53
N ASP A 249 -10.53 42.48 13.83
CA ASP A 249 -9.37 42.29 14.70
C ASP A 249 -9.04 40.81 14.62
N LEU A 250 -8.74 40.35 13.42
CA LEU A 250 -8.45 38.95 13.16
C LEU A 250 -7.35 38.31 13.99
N LEU A 251 -6.25 39.04 14.21
CA LEU A 251 -5.12 38.53 14.98
C LEU A 251 -5.44 38.27 16.45
N GLU A 252 -6.13 39.19 17.10
CA GLU A 252 -6.45 38.98 18.50
C GLU A 252 -7.62 38.00 18.67
N CYS A 253 -8.37 37.79 17.59
CA CYS A 253 -9.49 36.86 17.61
C CYS A 253 -8.91 35.46 17.62
N ALA A 254 -7.99 35.22 16.69
CA ALA A 254 -7.33 33.92 16.58
C ALA A 254 -6.58 33.61 17.87
N ASP A 255 -5.87 34.62 18.36
CA ASP A 255 -5.12 34.48 19.60
C ASP A 255 -6.04 34.13 20.76
N ASP A 256 -7.05 34.97 20.99
CA ASP A 256 -8.00 34.73 22.07
C ASP A 256 -8.77 33.42 21.91
N ARG A 257 -8.93 32.96 20.68
CA ARG A 257 -9.65 31.71 20.45
C ARG A 257 -8.79 30.52 20.88
N ALA A 258 -7.48 30.71 20.83
CA ALA A 258 -6.56 29.67 21.24
C ALA A 258 -6.61 29.58 22.77
N ASP A 259 -6.54 30.75 23.43
CA ASP A 259 -6.62 30.81 24.90
C ASP A 259 -7.88 30.13 25.44
N LEU A 260 -8.99 30.25 24.72
CA LEU A 260 -10.26 29.62 25.14
C LEU A 260 -10.22 28.11 24.96
N ALA A 261 -9.55 27.65 23.92
CA ALA A 261 -9.45 26.22 23.66
C ALA A 261 -8.58 25.61 24.76
N LYS A 262 -7.50 26.31 25.10
CA LYS A 262 -6.58 25.86 26.14
C LYS A 262 -7.40 25.65 27.41
N TYR A 263 -8.05 26.72 27.86
CA TYR A 263 -8.87 26.69 29.07
C TYR A 263 -9.85 25.50 29.11
N ILE A 264 -10.75 25.44 28.14
CA ILE A 264 -11.74 24.37 28.09
C ILE A 264 -11.17 22.97 28.28
N CYS A 265 -9.96 22.73 27.80
CA CYS A 265 -9.37 21.40 27.96
C CYS A 265 -8.79 21.17 29.34
N GLU A 266 -8.28 22.25 29.94
CA GLU A 266 -7.72 22.20 31.28
C GLU A 266 -8.84 22.09 32.31
N ASN A 267 -10.08 22.03 31.86
CA ASN A 267 -11.22 21.92 32.76
C ASN A 267 -12.32 21.02 32.23
N GLN A 268 -11.96 20.11 31.33
CA GLN A 268 -12.90 19.17 30.74
C GLN A 268 -13.95 18.65 31.72
N ASP A 269 -13.48 18.21 32.88
CA ASP A 269 -14.36 17.64 33.90
C ASP A 269 -15.42 18.59 34.45
N SER A 270 -15.09 19.87 34.54
CA SER A 270 -16.05 20.85 35.05
C SER A 270 -16.95 21.38 33.93
N ILE A 271 -16.80 20.83 32.72
CA ILE A 271 -17.56 21.30 31.57
C ILE A 271 -18.36 20.24 30.81
N SER A 272 -17.66 19.25 30.27
CA SER A 272 -18.31 18.20 29.50
C SER A 272 -17.38 17.01 29.43
N SER A 273 -17.93 15.81 29.37
CA SER A 273 -17.07 14.64 29.28
C SER A 273 -16.69 14.38 27.83
N LYS A 274 -17.59 14.71 26.91
CA LYS A 274 -17.34 14.48 25.49
C LYS A 274 -16.29 15.38 24.85
N LEU A 275 -15.49 16.07 25.66
CA LEU A 275 -14.44 16.93 25.14
C LEU A 275 -13.16 16.13 25.01
N LYS A 276 -13.30 14.81 25.10
CA LYS A 276 -12.17 13.89 25.03
C LYS A 276 -11.30 14.09 23.78
N GLU A 277 -11.66 13.37 22.72
CA GLU A 277 -10.94 13.42 21.45
C GLU A 277 -10.49 14.82 21.07
N CYS A 278 -11.35 15.80 21.30
CA CYS A 278 -11.05 17.21 20.98
C CYS A 278 -9.70 17.66 21.52
N CYS A 279 -9.52 17.47 22.83
CA CYS A 279 -8.32 17.90 23.51
C CYS A 279 -7.05 17.09 23.22
N GLU A 280 -7.20 16.01 22.45
CA GLU A 280 -6.06 15.17 22.08
C GLU A 280 -5.76 15.35 20.61
N LYS A 281 -5.42 16.58 20.21
CA LYS A 281 -5.09 16.86 18.81
C LYS A 281 -4.56 18.27 18.58
N PRO A 282 -4.13 18.57 17.34
CA PRO A 282 -3.59 19.88 16.95
C PRO A 282 -4.45 21.09 17.36
N LEU A 283 -3.81 22.25 17.49
CA LEU A 283 -4.51 23.47 17.87
C LEU A 283 -5.73 23.71 16.99
N LEU A 284 -5.48 24.01 15.73
CA LEU A 284 -6.55 24.29 14.79
C LEU A 284 -7.70 23.29 14.80
N GLU A 285 -7.37 22.01 14.96
CA GLU A 285 -8.42 21.00 14.97
C GLU A 285 -9.12 20.90 16.32
N LYS A 286 -8.38 21.17 17.39
CA LYS A 286 -8.99 21.10 18.71
C LYS A 286 -10.08 22.17 18.78
N SER A 287 -9.78 23.37 18.32
CA SER A 287 -10.74 24.46 18.32
C SER A 287 -11.97 24.10 17.52
N HIS A 288 -11.76 23.50 16.36
CA HIS A 288 -12.88 23.13 15.50
C HIS A 288 -13.75 22.07 16.16
N CYS A 289 -13.11 21.09 16.79
CA CYS A 289 -13.79 19.99 17.46
C CYS A 289 -14.69 20.47 18.60
N ILE A 290 -14.16 21.35 19.45
CA ILE A 290 -14.91 21.87 20.59
C ILE A 290 -16.13 22.64 20.12
N ALA A 291 -15.99 23.35 19.00
CA ALA A 291 -17.09 24.15 18.46
C ALA A 291 -18.25 23.34 17.92
N GLU A 292 -17.99 22.09 17.57
CA GLU A 292 -19.04 21.23 17.03
C GLU A 292 -19.33 19.98 17.85
N VAL A 293 -18.78 19.91 19.06
CA VAL A 293 -19.01 18.74 19.93
C VAL A 293 -20.49 18.52 20.25
N GLU A 294 -20.90 17.26 20.34
CA GLU A 294 -22.28 16.92 20.63
C GLU A 294 -22.67 17.26 22.08
N ASN A 295 -23.97 17.43 22.32
CA ASN A 295 -24.46 17.76 23.66
C ASN A 295 -24.13 16.66 24.66
N ASP A 296 -23.72 17.03 25.87
CA ASP A 296 -23.40 16.05 26.90
C ASP A 296 -24.70 15.39 27.35
N GLU A 297 -24.58 14.31 28.11
CA GLU A 297 -25.77 13.63 28.64
C GLU A 297 -26.30 14.51 29.76
N MET A 298 -27.62 14.63 29.84
CA MET A 298 -28.25 15.46 30.86
C MET A 298 -27.93 14.95 32.26
N PRO A 299 -27.60 15.86 33.19
CA PRO A 299 -27.28 15.48 34.57
C PRO A 299 -28.30 14.53 35.19
N ALA A 300 -27.86 13.81 36.20
CA ALA A 300 -28.70 12.84 36.91
C ALA A 300 -30.13 13.28 37.14
N ASP A 301 -30.41 13.74 38.37
CA ASP A 301 -31.75 14.17 38.75
C ASP A 301 -31.85 15.67 39.02
N LEU A 302 -32.32 16.42 38.03
CA LEU A 302 -32.49 17.86 38.14
C LEU A 302 -33.88 18.16 38.65
N PRO A 303 -33.99 19.09 39.62
CA PRO A 303 -35.27 19.48 40.21
C PRO A 303 -36.22 20.09 39.18
N SER A 304 -37.43 20.46 39.63
CA SER A 304 -38.41 21.06 38.75
C SER A 304 -38.13 22.55 38.59
N LEU A 305 -38.36 23.08 37.39
CA LEU A 305 -38.12 24.49 37.13
C LEU A 305 -39.11 25.35 37.87
N ALA A 306 -40.34 24.86 37.94
CA ALA A 306 -41.42 25.60 38.59
C ALA A 306 -41.06 26.04 40.00
N ALA A 307 -40.41 25.15 40.74
CA ALA A 307 -40.02 25.41 42.11
C ALA A 307 -39.41 26.77 42.33
N ASP A 308 -38.22 26.98 41.77
CA ASP A 308 -37.46 28.22 41.91
C ASP A 308 -37.89 29.38 41.00
N PHE A 309 -38.67 29.10 39.96
CA PHE A 309 -39.05 30.16 39.03
C PHE A 309 -40.54 30.58 38.98
N VAL A 310 -41.47 29.73 39.42
CA VAL A 310 -42.88 30.15 39.41
C VAL A 310 -43.59 29.96 40.75
N GLU A 311 -43.21 28.93 41.50
CA GLU A 311 -43.85 28.67 42.79
C GLU A 311 -43.25 29.50 43.90
N SER A 312 -41.92 29.55 43.99
CA SER A 312 -41.25 30.35 45.00
C SER A 312 -41.92 31.72 45.11
N LYS A 313 -41.69 32.43 46.21
CA LYS A 313 -42.29 33.74 46.43
C LYS A 313 -41.25 34.84 46.31
N ASP A 314 -40.00 34.44 46.11
CA ASP A 314 -38.90 35.38 45.98
C ASP A 314 -38.70 35.91 44.56
N VAL A 315 -39.32 35.25 43.59
CA VAL A 315 -39.16 35.64 42.18
C VAL A 315 -38.98 37.12 41.94
N CYS A 316 -40.02 37.91 42.17
CA CYS A 316 -39.93 39.35 41.94
C CYS A 316 -38.79 40.03 42.69
N LYS A 317 -38.39 39.46 43.83
CA LYS A 317 -37.30 40.02 44.60
C LYS A 317 -35.98 39.73 43.89
N ASN A 318 -35.80 38.49 43.49
CA ASN A 318 -34.59 38.11 42.80
C ASN A 318 -34.48 38.84 41.46
N TYR A 319 -35.62 39.06 40.82
CA TYR A 319 -35.66 39.74 39.53
C TYR A 319 -35.24 41.19 39.64
N ALA A 320 -35.61 41.81 40.77
CA ALA A 320 -35.29 43.19 41.04
C ALA A 320 -33.82 43.33 41.40
N GLU A 321 -33.37 42.42 42.26
CA GLU A 321 -31.98 42.37 42.75
C GLU A 321 -30.94 42.36 41.64
N ALA A 322 -31.18 41.55 40.59
CA ALA A 322 -30.25 41.45 39.47
C ALA A 322 -30.95 40.73 38.31
N LYS A 323 -31.82 41.45 37.60
CA LYS A 323 -32.58 40.86 36.50
C LYS A 323 -31.75 40.12 35.46
N ASP A 324 -30.60 40.67 35.11
CA ASP A 324 -29.74 40.05 34.11
C ASP A 324 -29.25 38.68 34.54
N VAL A 325 -28.69 38.63 35.74
CA VAL A 325 -28.18 37.37 36.28
C VAL A 325 -29.33 36.38 36.42
N PHE A 326 -30.44 36.86 36.97
CA PHE A 326 -31.59 36.00 37.18
C PHE A 326 -32.17 35.43 35.89
N LEU A 327 -32.26 36.26 34.86
CA LEU A 327 -32.81 35.83 33.59
C LEU A 327 -31.84 34.90 32.90
N GLY A 328 -30.55 35.11 33.09
CA GLY A 328 -29.56 34.23 32.52
C GLY A 328 -29.73 32.86 33.18
N MET A 329 -29.96 32.86 34.48
CA MET A 329 -30.12 31.60 35.19
C MET A 329 -31.31 30.84 34.66
N PHE A 330 -32.39 31.57 34.38
CA PHE A 330 -33.60 30.94 33.86
C PHE A 330 -33.30 30.24 32.53
N LEU A 331 -32.69 30.97 31.62
CA LEU A 331 -32.36 30.45 30.32
C LEU A 331 -31.43 29.24 30.44
N TYR A 332 -30.40 29.34 31.26
CA TYR A 332 -29.46 28.25 31.47
C TYR A 332 -30.18 26.98 31.96
N GLU A 333 -31.06 27.15 32.96
CA GLU A 333 -31.83 26.03 33.53
C GLU A 333 -32.80 25.41 32.54
N TYR A 334 -33.47 26.23 31.74
CA TYR A 334 -34.46 25.71 30.80
C TYR A 334 -33.76 25.06 29.62
N ALA A 335 -32.61 25.61 29.26
CA ALA A 335 -31.81 25.13 28.14
C ALA A 335 -31.09 23.83 28.45
N ARG A 336 -30.41 23.74 29.60
CA ARG A 336 -29.67 22.53 29.92
C ARG A 336 -30.56 21.31 29.85
N ARG A 337 -31.83 21.46 30.15
CA ARG A 337 -32.69 20.28 30.10
C ARG A 337 -33.60 20.19 28.87
N HIS A 338 -33.30 20.99 27.84
CA HIS A 338 -34.09 20.98 26.61
C HIS A 338 -33.27 21.08 25.33
N PRO A 339 -32.55 20.02 24.99
CA PRO A 339 -31.74 20.05 23.78
C PRO A 339 -32.66 19.69 22.62
N ASP A 340 -33.94 19.51 22.92
CA ASP A 340 -34.93 19.19 21.89
C ASP A 340 -35.62 20.47 21.41
N TYR A 341 -35.19 21.58 21.99
CA TYR A 341 -35.71 22.91 21.65
C TYR A 341 -34.65 23.65 20.86
N SER A 342 -35.08 24.49 19.92
CA SER A 342 -34.11 25.24 19.15
C SER A 342 -33.63 26.39 20.01
N VAL A 343 -32.42 26.90 19.74
CA VAL A 343 -31.91 28.03 20.49
C VAL A 343 -32.88 29.26 20.41
N VAL A 344 -33.42 29.58 19.23
CA VAL A 344 -34.32 30.74 19.20
C VAL A 344 -35.63 30.53 19.96
N LEU A 345 -36.13 29.29 20.04
CA LEU A 345 -37.38 29.08 20.79
C LEU A 345 -37.07 29.33 22.29
N LEU A 346 -35.91 28.87 22.74
CA LEU A 346 -35.52 29.09 24.12
C LEU A 346 -35.47 30.58 24.40
N LEU A 347 -34.80 31.35 23.54
CA LEU A 347 -34.74 32.78 23.74
C LEU A 347 -36.13 33.39 23.75
N ARG A 348 -37.01 32.83 22.93
CA ARG A 348 -38.38 33.31 22.82
C ARG A 348 -39.12 33.07 24.15
N LEU A 349 -38.90 31.91 24.74
CA LEU A 349 -39.52 31.56 26.01
C LEU A 349 -38.94 32.49 27.09
N ALA A 350 -37.63 32.67 27.07
CA ALA A 350 -36.99 33.56 28.03
C ALA A 350 -37.57 34.99 27.92
N LYS A 351 -37.86 35.43 26.70
CA LYS A 351 -38.43 36.76 26.48
C LYS A 351 -39.83 36.87 27.05
N THR A 352 -40.58 35.77 26.97
CA THR A 352 -41.95 35.75 27.46
C THR A 352 -41.94 35.76 28.98
N TYR A 353 -40.94 35.11 29.57
CA TYR A 353 -40.80 35.06 31.02
C TYR A 353 -40.48 36.48 31.50
N GLU A 354 -39.52 37.12 30.85
CA GLU A 354 -39.15 38.49 31.17
C GLU A 354 -40.37 39.43 31.15
N THR A 355 -41.06 39.47 30.02
CA THR A 355 -42.24 40.32 29.88
C THR A 355 -43.29 40.09 30.97
N THR A 356 -43.40 38.86 31.45
CA THR A 356 -44.37 38.54 32.49
C THR A 356 -43.93 39.04 33.85
N LEU A 357 -42.65 38.90 34.18
CA LEU A 357 -42.20 39.38 35.47
C LEU A 357 -42.29 40.89 35.49
N GLU A 358 -41.92 41.51 34.37
CA GLU A 358 -41.97 42.97 34.27
C GLU A 358 -43.37 43.50 34.56
N LYS A 359 -44.40 42.82 34.07
CA LYS A 359 -45.77 43.25 34.31
C LYS A 359 -46.30 42.75 35.67
N CYS A 360 -46.12 41.47 35.94
CA CYS A 360 -46.58 40.89 37.19
C CYS A 360 -45.98 41.48 38.46
N CYS A 361 -44.67 41.74 38.47
CA CYS A 361 -44.00 42.29 39.64
C CYS A 361 -44.40 43.71 39.98
N ALA A 362 -45.13 44.35 39.07
CA ALA A 362 -45.58 45.71 39.31
C ALA A 362 -47.00 45.68 39.90
N ALA A 363 -47.59 44.48 39.94
CA ALA A 363 -48.95 44.31 40.46
C ALA A 363 -49.02 44.14 41.96
N ALA A 364 -50.23 43.94 42.45
CA ALA A 364 -50.49 43.77 43.88
C ALA A 364 -50.01 42.40 44.37
N ASP A 365 -50.63 41.34 43.88
CA ASP A 365 -50.22 40.00 44.26
C ASP A 365 -49.54 39.37 43.06
N PRO A 366 -48.20 39.49 42.99
CA PRO A 366 -47.36 38.97 41.93
C PRO A 366 -47.53 37.48 41.66
N HIS A 367 -47.41 36.68 42.70
CA HIS A 367 -47.53 35.23 42.54
C HIS A 367 -48.75 34.78 41.77
N GLU A 368 -49.91 35.36 42.08
CA GLU A 368 -51.15 34.98 41.40
C GLU A 368 -51.11 35.33 39.92
N CYS A 369 -50.40 36.42 39.60
CA CYS A 369 -50.25 36.93 38.25
C CYS A 369 -49.32 36.09 37.37
N TYR A 370 -48.11 35.81 37.87
CA TYR A 370 -47.15 35.04 37.10
C TYR A 370 -47.20 33.55 37.38
N ALA A 371 -48.23 33.11 38.08
CA ALA A 371 -48.35 31.71 38.43
C ALA A 371 -48.53 30.77 37.24
N LYS A 372 -49.31 31.21 36.25
CA LYS A 372 -49.56 30.38 35.09
C LYS A 372 -48.73 30.78 33.88
N VAL A 373 -47.47 31.16 34.12
CA VAL A 373 -46.61 31.58 33.02
C VAL A 373 -46.28 30.47 32.03
N PHE A 374 -46.07 29.26 32.55
CA PHE A 374 -45.77 28.11 31.68
C PHE A 374 -46.90 27.86 30.71
N ASP A 375 -48.09 28.30 31.08
CA ASP A 375 -49.27 28.14 30.23
C ASP A 375 -49.10 28.93 28.93
N GLU A 376 -48.41 30.07 28.99
CA GLU A 376 -48.17 30.91 27.82
C GLU A 376 -47.05 30.32 26.96
N PHE A 377 -46.26 29.43 27.56
CA PHE A 377 -45.17 28.78 26.85
C PHE A 377 -45.71 27.79 25.84
N LYS A 378 -46.80 27.11 26.19
CA LYS A 378 -47.41 26.09 25.33
C LYS A 378 -47.58 26.45 23.84
N PRO A 379 -48.26 27.56 23.53
CA PRO A 379 -48.42 27.91 22.12
C PRO A 379 -47.08 28.11 21.42
N LEU A 380 -46.13 28.70 22.14
CA LEU A 380 -44.81 28.97 21.59
C LEU A 380 -44.06 27.72 21.21
N VAL A 381 -44.22 26.66 22.00
CA VAL A 381 -43.52 25.42 21.73
C VAL A 381 -44.16 24.68 20.57
N GLU A 382 -45.47 24.66 20.52
CA GLU A 382 -46.23 23.95 19.49
C GLU A 382 -46.19 24.53 18.09
N GLU A 383 -46.06 25.84 17.96
CA GLU A 383 -46.06 26.43 16.64
C GLU A 383 -44.91 25.92 15.78
N PRO A 384 -43.67 25.96 16.29
CA PRO A 384 -42.53 25.48 15.51
C PRO A 384 -42.62 24.00 15.18
N GLN A 385 -43.10 23.22 16.14
CA GLN A 385 -43.24 21.79 15.93
C GLN A 385 -44.20 21.48 14.78
N ASN A 386 -45.32 22.20 14.72
CA ASN A 386 -46.27 21.99 13.64
C ASN A 386 -45.68 22.46 12.32
N LEU A 387 -44.87 23.51 12.37
CA LEU A 387 -44.31 24.01 11.14
C LEU A 387 -43.32 23.01 10.52
N ILE A 388 -42.47 22.41 11.35
CA ILE A 388 -41.48 21.42 10.91
C ILE A 388 -42.18 20.17 10.36
N LYS A 389 -43.22 19.70 11.04
CA LYS A 389 -43.97 18.53 10.58
C LYS A 389 -44.61 18.78 9.22
N GLN A 390 -45.29 19.91 9.09
CA GLN A 390 -45.96 20.22 7.83
C GLN A 390 -44.98 20.34 6.67
N ASN A 391 -43.80 20.86 6.93
CA ASN A 391 -42.84 21.02 5.84
C ASN A 391 -42.08 19.77 5.49
N CYS A 392 -41.88 18.88 6.47
CA CYS A 392 -41.16 17.66 6.19
C CYS A 392 -42.07 16.72 5.43
N GLU A 393 -43.37 16.84 5.69
CA GLU A 393 -44.37 16.03 4.99
C GLU A 393 -44.38 16.45 3.53
N LEU A 394 -44.56 17.75 3.29
CA LEU A 394 -44.57 18.28 1.93
C LEU A 394 -43.27 17.86 1.23
N PHE A 395 -42.15 18.10 1.90
CA PHE A 395 -40.84 17.75 1.36
C PHE A 395 -40.76 16.29 0.95
N GLU A 396 -41.06 15.40 1.89
CA GLU A 396 -41.02 13.97 1.66
C GLU A 396 -41.81 13.49 0.44
N GLN A 397 -42.97 14.09 0.20
CA GLN A 397 -43.76 13.67 -0.93
C GLN A 397 -43.35 14.37 -2.23
N LEU A 398 -42.83 15.58 -2.15
CA LEU A 398 -42.44 16.32 -3.35
C LEU A 398 -40.98 16.17 -3.81
N GLY A 399 -40.06 16.00 -2.86
CA GLY A 399 -38.65 15.91 -3.20
C GLY A 399 -38.05 17.31 -3.19
N GLU A 400 -36.74 17.40 -3.11
CA GLU A 400 -36.07 18.68 -3.03
C GLU A 400 -36.46 19.76 -4.05
N TYR A 401 -36.20 19.48 -5.33
CA TYR A 401 -36.50 20.41 -6.41
C TYR A 401 -37.93 20.92 -6.36
N LYS A 402 -38.90 20.03 -6.20
CA LYS A 402 -40.30 20.46 -6.15
C LYS A 402 -40.57 21.28 -4.89
N PHE A 403 -39.95 20.89 -3.78
CA PHE A 403 -40.14 21.61 -2.54
C PHE A 403 -39.57 23.02 -2.70
N GLN A 404 -38.38 23.16 -3.29
CA GLN A 404 -37.80 24.49 -3.47
C GLN A 404 -38.75 25.35 -4.31
N ASN A 405 -39.36 24.76 -5.34
CA ASN A 405 -40.29 25.49 -6.20
C ASN A 405 -41.51 25.93 -5.39
N ALA A 406 -42.05 25.04 -4.56
CA ALA A 406 -43.20 25.41 -3.74
C ALA A 406 -42.84 26.62 -2.88
N LEU A 407 -41.59 26.64 -2.41
CA LEU A 407 -41.11 27.74 -1.58
C LEU A 407 -40.88 29.02 -2.37
N LEU A 408 -40.43 28.90 -3.61
CA LEU A 408 -40.17 30.07 -4.45
C LEU A 408 -41.44 30.88 -4.74
N VAL A 409 -42.52 30.18 -5.07
CA VAL A 409 -43.81 30.82 -5.36
C VAL A 409 -44.31 31.53 -4.08
N ARG A 410 -44.22 30.82 -2.96
CA ARG A 410 -44.65 31.35 -1.68
C ARG A 410 -43.88 32.61 -1.32
N TYR A 411 -42.56 32.53 -1.35
CA TYR A 411 -41.82 33.72 -0.97
C TYR A 411 -41.96 34.90 -1.93
N THR A 412 -42.04 34.62 -3.22
CA THR A 412 -42.19 35.69 -4.20
C THR A 412 -43.53 36.40 -4.03
N LYS A 413 -44.56 35.65 -3.61
CA LYS A 413 -45.85 36.28 -3.40
C LYS A 413 -45.82 37.10 -2.11
N LYS A 414 -45.09 36.60 -1.11
CA LYS A 414 -44.95 37.27 0.19
C LYS A 414 -44.27 38.61 0.04
N VAL A 415 -43.15 38.63 -0.69
CA VAL A 415 -42.36 39.84 -0.87
C VAL A 415 -41.90 40.01 -2.32
N PRO A 416 -42.83 40.38 -3.23
CA PRO A 416 -42.61 40.59 -4.67
C PRO A 416 -41.54 41.62 -5.05
N GLN A 417 -41.26 42.57 -4.16
CA GLN A 417 -40.27 43.59 -4.44
C GLN A 417 -38.84 43.05 -4.52
N VAL A 418 -38.52 42.10 -3.64
CA VAL A 418 -37.19 41.53 -3.60
C VAL A 418 -36.69 41.08 -4.96
N SER A 419 -35.40 41.33 -5.22
CA SER A 419 -34.80 40.99 -6.51
C SER A 419 -34.73 39.50 -6.78
N THR A 420 -35.03 39.13 -8.01
CA THR A 420 -35.04 37.75 -8.45
C THR A 420 -33.83 36.90 -8.05
N PRO A 421 -32.61 37.46 -8.15
CA PRO A 421 -31.48 36.61 -7.76
C PRO A 421 -31.49 36.28 -6.26
N THR A 422 -31.83 37.27 -5.43
CA THR A 422 -31.88 37.05 -3.98
C THR A 422 -32.99 36.06 -3.60
N LEU A 423 -34.14 36.14 -4.26
CA LEU A 423 -35.27 35.25 -3.95
C LEU A 423 -34.96 33.83 -4.32
N VAL A 424 -34.38 33.67 -5.50
CA VAL A 424 -34.00 32.36 -6.02
C VAL A 424 -32.95 31.73 -5.09
N GLU A 425 -31.93 32.51 -4.73
CA GLU A 425 -30.87 32.06 -3.83
C GLU A 425 -31.42 31.72 -2.42
N VAL A 426 -32.18 32.66 -1.85
CA VAL A 426 -32.75 32.46 -0.52
C VAL A 426 -33.75 31.31 -0.45
N SER A 427 -34.52 31.08 -1.50
CA SER A 427 -35.51 30.01 -1.49
C SER A 427 -34.88 28.62 -1.68
N ARG A 428 -33.81 28.54 -2.45
CA ARG A 428 -33.14 27.26 -2.66
C ARG A 428 -32.55 26.78 -1.34
N ASN A 429 -31.97 27.71 -0.57
CA ASN A 429 -31.39 27.40 0.73
C ASN A 429 -32.49 27.01 1.71
N LEU A 430 -33.61 27.72 1.68
CA LEU A 430 -34.72 27.38 2.58
C LEU A 430 -35.19 25.96 2.31
N GLY A 431 -35.18 25.56 1.05
CA GLY A 431 -35.60 24.22 0.69
C GLY A 431 -34.65 23.12 1.11
N LYS A 432 -33.41 23.47 1.44
CA LYS A 432 -32.44 22.45 1.87
C LYS A 432 -32.65 21.99 3.32
N VAL A 433 -33.64 22.56 4.01
CA VAL A 433 -33.92 22.17 5.38
C VAL A 433 -34.53 20.81 5.28
N GLY A 434 -35.11 20.53 4.13
CA GLY A 434 -35.77 19.26 3.91
C GLY A 434 -34.83 18.09 4.01
N SER A 435 -33.68 18.17 3.35
CA SER A 435 -32.76 17.06 3.38
C SER A 435 -31.84 17.13 4.59
N LYS A 436 -31.55 18.34 5.03
CA LYS A 436 -30.67 18.55 6.18
C LYS A 436 -31.26 18.15 7.53
N CYS A 437 -32.59 18.25 7.67
CA CYS A 437 -33.23 17.97 8.95
C CYS A 437 -34.35 16.95 9.06
N CYS A 438 -35.13 16.79 8.01
CA CYS A 438 -36.24 15.87 8.07
C CYS A 438 -35.96 14.40 8.32
N LYS A 439 -34.72 13.99 8.16
CA LYS A 439 -34.35 12.59 8.36
C LYS A 439 -34.09 12.26 9.82
N HIS A 440 -34.03 13.27 10.68
CA HIS A 440 -33.79 13.07 12.11
C HIS A 440 -35.08 12.65 12.81
N PRO A 441 -34.98 12.11 14.04
CA PRO A 441 -36.17 11.70 14.79
C PRO A 441 -36.77 12.99 15.34
N GLU A 442 -38.08 13.05 15.48
CA GLU A 442 -38.72 14.25 15.99
C GLU A 442 -37.93 14.96 17.09
N ALA A 443 -37.16 14.20 17.88
CA ALA A 443 -36.39 14.76 18.97
C ALA A 443 -35.31 15.79 18.58
N LYS A 444 -34.72 15.64 17.41
CA LYS A 444 -33.67 16.56 17.00
C LYS A 444 -34.05 17.43 15.80
N ARG A 445 -35.30 17.35 15.37
CA ARG A 445 -35.76 18.12 14.22
C ARG A 445 -35.87 19.63 14.41
N MET A 446 -36.42 20.07 15.54
CA MET A 446 -36.60 21.49 15.78
C MET A 446 -35.31 22.30 15.82
N PRO A 447 -34.36 21.94 16.69
CA PRO A 447 -33.15 22.76 16.68
C PRO A 447 -32.54 22.76 15.29
N CYS A 448 -32.57 21.61 14.64
CA CYS A 448 -32.01 21.51 13.30
C CYS A 448 -32.73 22.45 12.32
N ALA A 449 -34.06 22.33 12.24
CA ALA A 449 -34.85 23.13 11.32
C ALA A 449 -34.89 24.63 11.60
N GLU A 450 -35.44 25.02 12.73
CA GLU A 450 -35.54 26.44 13.05
C GLU A 450 -34.23 27.20 13.18
N ASP A 451 -33.18 26.57 13.71
CA ASP A 451 -31.95 27.31 13.83
C ASP A 451 -31.33 27.46 12.45
N TYR A 452 -31.54 26.47 11.59
CA TYR A 452 -31.05 26.53 10.21
C TYR A 452 -31.86 27.63 9.47
N LEU A 453 -33.19 27.65 9.66
CA LEU A 453 -34.03 28.67 9.01
C LEU A 453 -33.62 30.09 9.46
N SER A 454 -33.05 30.19 10.66
CA SER A 454 -32.61 31.50 11.16
C SER A 454 -31.40 31.98 10.40
N VAL A 455 -30.49 31.06 10.08
CA VAL A 455 -29.29 31.42 9.35
C VAL A 455 -29.64 31.90 7.92
N VAL A 456 -30.49 31.15 7.25
CA VAL A 456 -30.91 31.49 5.90
C VAL A 456 -31.69 32.82 5.87
N LEU A 457 -32.67 32.98 6.74
CA LEU A 457 -33.39 34.25 6.77
C LEU A 457 -32.45 35.40 7.07
N ASN A 458 -31.35 35.16 7.76
CA ASN A 458 -30.40 36.24 8.04
C ASN A 458 -29.76 36.71 6.75
N GLN A 459 -29.51 35.75 5.86
CA GLN A 459 -28.91 36.00 4.55
C GLN A 459 -29.82 37.00 3.79
N LEU A 460 -31.12 36.69 3.72
CA LEU A 460 -32.08 37.57 3.08
C LEU A 460 -32.01 38.96 3.74
N CYS A 461 -31.92 39.00 5.06
CA CYS A 461 -31.87 40.30 5.70
C CYS A 461 -30.64 41.11 5.35
N VAL A 462 -29.47 40.48 5.23
CA VAL A 462 -28.27 41.25 4.90
C VAL A 462 -28.20 41.57 3.39
N LEU A 463 -28.64 40.65 2.54
CA LEU A 463 -28.60 40.92 1.11
C LEU A 463 -29.59 42.02 0.75
N HIS A 464 -30.70 42.11 1.49
CA HIS A 464 -31.74 43.11 1.23
C HIS A 464 -31.43 44.46 1.88
N GLU A 465 -30.74 44.42 3.02
CA GLU A 465 -30.38 45.62 3.77
C GLU A 465 -29.58 46.64 2.97
N LYS A 466 -28.78 46.14 2.02
CA LYS A 466 -27.96 47.00 1.18
C LYS A 466 -28.85 47.94 0.36
N THR A 467 -29.73 47.34 -0.45
CA THR A 467 -30.64 48.09 -1.29
C THR A 467 -32.07 47.63 -0.99
N PRO A 468 -32.67 48.20 0.05
CA PRO A 468 -34.04 47.88 0.47
C PRO A 468 -35.12 48.27 -0.53
N VAL A 469 -36.11 47.41 -0.68
CA VAL A 469 -37.22 47.65 -1.59
C VAL A 469 -38.54 47.16 -0.99
N SER A 470 -38.46 46.59 0.21
CA SER A 470 -39.65 46.06 0.88
C SER A 470 -39.71 46.38 2.37
N ASP A 471 -40.68 47.18 2.78
CA ASP A 471 -40.83 47.53 4.18
C ASP A 471 -41.22 46.29 4.96
N ARG A 472 -41.77 45.28 4.27
CA ARG A 472 -42.18 44.07 4.97
C ARG A 472 -40.98 43.21 5.34
N VAL A 473 -39.97 43.20 4.48
CA VAL A 473 -38.77 42.47 4.77
C VAL A 473 -38.01 43.23 5.86
N THR A 474 -37.94 44.55 5.73
CA THR A 474 -37.26 45.41 6.69
C THR A 474 -37.82 45.31 8.10
N LYS A 475 -39.14 45.25 8.20
CA LYS A 475 -39.78 45.16 9.50
C LYS A 475 -39.49 43.79 10.16
N CYS A 476 -39.55 42.72 9.38
CA CYS A 476 -39.31 41.41 9.95
C CYS A 476 -37.83 41.22 10.28
N CYS A 477 -36.97 41.91 9.57
CA CYS A 477 -35.55 41.78 9.80
C CYS A 477 -35.01 42.57 10.98
N THR A 478 -35.62 43.70 11.28
CA THR A 478 -35.11 44.56 12.33
C THR A 478 -35.92 44.70 13.60
N GLU A 479 -37.10 44.12 13.64
CA GLU A 479 -37.94 44.26 14.82
C GLU A 479 -37.51 43.37 15.99
N SER A 480 -36.93 42.22 15.68
CA SER A 480 -36.49 41.29 16.69
C SER A 480 -35.81 40.11 16.06
N LEU A 481 -34.58 39.84 16.49
CA LEU A 481 -33.81 38.74 15.97
C LEU A 481 -34.47 37.35 16.19
N VAL A 482 -35.00 37.13 17.39
CA VAL A 482 -35.63 35.86 17.78
C VAL A 482 -36.93 35.49 17.05
N ASN A 483 -37.68 36.52 16.68
CA ASN A 483 -38.95 36.37 16.00
C ASN A 483 -38.94 36.50 14.47
N ARG A 484 -37.74 36.49 13.89
CA ARG A 484 -37.61 36.61 12.45
C ARG A 484 -38.36 35.52 11.71
N ARG A 485 -38.17 34.28 12.11
CA ARG A 485 -38.83 33.18 11.43
C ARG A 485 -40.36 33.30 11.57
N PRO A 486 -40.89 33.52 12.78
CA PRO A 486 -42.36 33.63 12.89
C PRO A 486 -42.90 34.84 12.10
N CYS A 487 -42.18 35.95 12.08
CA CYS A 487 -42.62 37.15 11.39
C CYS A 487 -42.77 36.82 9.90
N PHE A 488 -41.74 36.25 9.29
CA PHE A 488 -41.83 35.88 7.88
C PHE A 488 -42.94 34.86 7.64
N SER A 489 -43.14 33.95 8.60
CA SER A 489 -44.17 32.95 8.45
C SER A 489 -45.59 33.53 8.47
N ALA A 490 -45.78 34.64 9.16
CA ALA A 490 -47.10 35.24 9.26
C ALA A 490 -47.45 36.07 8.03
N LEU A 491 -46.45 36.39 7.21
CA LEU A 491 -46.69 37.17 6.00
C LEU A 491 -47.41 36.27 5.02
N GLU A 492 -48.29 36.86 4.23
CA GLU A 492 -49.05 36.08 3.25
C GLU A 492 -48.76 36.58 1.85
N VAL A 493 -49.74 37.27 1.26
CA VAL A 493 -49.58 37.80 -0.07
C VAL A 493 -49.56 39.31 0.08
N ASP A 494 -48.64 39.97 -0.60
CA ASP A 494 -48.56 41.43 -0.54
C ASP A 494 -49.75 41.93 -1.38
N GLU A 495 -50.75 42.49 -0.71
CA GLU A 495 -51.96 42.98 -1.38
C GLU A 495 -51.77 44.28 -2.14
N THR A 496 -50.83 45.12 -1.68
CA THR A 496 -50.58 46.41 -2.31
C THR A 496 -49.63 46.35 -3.52
N TYR A 497 -49.12 45.16 -3.83
CA TYR A 497 -48.21 44.99 -4.95
C TYR A 497 -48.89 45.12 -6.30
N VAL A 498 -48.31 45.91 -7.19
CA VAL A 498 -48.87 46.09 -8.51
C VAL A 498 -48.06 45.30 -9.53
N PRO A 499 -48.70 44.35 -10.22
CA PRO A 499 -48.07 43.50 -11.25
C PRO A 499 -47.05 44.17 -12.16
N LYS A 500 -46.04 43.39 -12.52
CA LYS A 500 -44.94 43.83 -13.37
C LYS A 500 -45.36 43.84 -14.83
N GLU A 501 -44.74 44.71 -15.61
CA GLU A 501 -45.02 44.82 -17.04
C GLU A 501 -44.06 43.93 -17.84
N PHE A 502 -44.62 43.00 -18.61
CA PHE A 502 -43.80 42.10 -19.42
C PHE A 502 -42.99 42.84 -20.49
N ASN A 503 -41.76 42.39 -20.72
CA ASN A 503 -40.92 43.00 -21.75
C ASN A 503 -39.97 41.98 -22.37
N ALA A 504 -39.41 42.31 -23.52
CA ALA A 504 -38.50 41.43 -24.25
C ALA A 504 -37.40 40.82 -23.39
N GLU A 505 -36.44 41.66 -23.02
CA GLU A 505 -35.29 41.25 -22.20
C GLU A 505 -35.67 40.61 -20.86
N THR A 506 -36.96 40.45 -20.60
CA THR A 506 -37.44 39.85 -19.34
C THR A 506 -36.62 38.60 -19.02
N PHE A 507 -36.33 37.82 -20.07
CA PHE A 507 -35.54 36.61 -19.91
C PHE A 507 -34.78 36.33 -21.20
N THR A 508 -33.49 36.65 -21.20
CA THR A 508 -32.65 36.42 -22.38
C THR A 508 -32.65 34.91 -22.62
N PHE A 509 -33.47 34.47 -23.56
CA PHE A 509 -33.59 33.04 -23.88
C PHE A 509 -32.38 32.47 -24.62
N HIS A 510 -31.28 33.21 -24.64
CA HIS A 510 -30.06 32.75 -25.31
C HIS A 510 -29.76 31.29 -24.95
N ALA A 511 -29.87 30.42 -25.95
CA ALA A 511 -29.65 28.99 -25.78
C ALA A 511 -28.24 28.58 -25.37
N ASP A 512 -27.50 29.50 -24.76
CA ASP A 512 -26.15 29.21 -24.30
C ASP A 512 -26.25 28.34 -23.05
N ILE A 513 -27.49 28.10 -22.63
CA ILE A 513 -27.79 27.30 -21.44
C ILE A 513 -27.54 25.80 -21.66
N CYS A 514 -27.52 25.38 -22.92
CA CYS A 514 -27.32 23.97 -23.26
C CYS A 514 -25.96 23.43 -22.82
N THR A 515 -25.00 24.32 -22.57
CA THR A 515 -23.68 23.91 -22.14
C THR A 515 -23.57 23.94 -20.62
N LEU A 516 -24.58 24.52 -19.98
CA LEU A 516 -24.60 24.64 -18.51
C LEU A 516 -24.94 23.36 -17.76
N SER A 517 -24.38 23.24 -16.56
CA SER A 517 -24.60 22.08 -15.71
C SER A 517 -26.08 21.92 -15.38
N GLU A 518 -26.51 20.67 -15.26
CA GLU A 518 -27.89 20.32 -14.94
C GLU A 518 -28.50 21.18 -13.83
N LYS A 519 -27.66 21.66 -12.92
CA LYS A 519 -28.11 22.48 -11.80
C LYS A 519 -28.31 23.94 -12.18
N GLU A 520 -27.31 24.54 -12.85
CA GLU A 520 -27.43 25.94 -13.26
C GLU A 520 -28.57 26.08 -14.28
N ARG A 521 -29.07 24.94 -14.74
CA ARG A 521 -30.16 24.92 -15.69
C ARG A 521 -31.44 25.08 -14.87
N GLN A 522 -31.45 24.49 -13.66
CA GLN A 522 -32.59 24.58 -12.77
C GLN A 522 -32.68 25.99 -12.21
N ILE A 523 -31.53 26.57 -11.89
CA ILE A 523 -31.47 27.92 -11.36
C ILE A 523 -32.06 28.89 -12.38
N LYS A 524 -31.75 28.66 -13.66
CA LYS A 524 -32.27 29.49 -14.74
C LYS A 524 -33.75 29.16 -14.94
N LYS A 525 -34.13 27.90 -14.74
CA LYS A 525 -35.53 27.52 -14.90
C LYS A 525 -36.32 28.02 -13.68
N GLN A 526 -35.61 28.36 -12.60
CA GLN A 526 -36.25 28.87 -11.38
C GLN A 526 -36.26 30.38 -11.41
N THR A 527 -35.30 30.95 -12.12
CA THR A 527 -35.20 32.39 -12.24
C THR A 527 -36.36 32.88 -13.10
N ALA A 528 -36.98 31.96 -13.82
CA ALA A 528 -38.11 32.29 -14.68
C ALA A 528 -39.39 32.20 -13.90
N LEU A 529 -39.53 31.15 -13.09
CA LEU A 529 -40.72 30.97 -12.27
C LEU A 529 -40.99 32.19 -11.39
N VAL A 530 -39.93 32.78 -10.85
CA VAL A 530 -40.00 33.97 -10.02
C VAL A 530 -40.54 35.14 -10.84
N GLU A 531 -39.97 35.30 -12.04
CA GLU A 531 -40.35 36.36 -12.98
C GLU A 531 -41.80 36.25 -13.41
N LEU A 532 -42.26 35.03 -13.61
CA LEU A 532 -43.64 34.83 -13.99
C LEU A 532 -44.55 35.23 -12.82
N VAL A 533 -44.33 34.63 -11.65
CA VAL A 533 -45.14 34.94 -10.47
C VAL A 533 -45.18 36.44 -10.20
N LYS A 534 -44.17 37.18 -10.65
CA LYS A 534 -44.18 38.62 -10.41
C LYS A 534 -45.19 39.31 -11.35
N HIS A 535 -45.56 38.65 -12.45
CA HIS A 535 -46.54 39.21 -13.39
C HIS A 535 -47.91 38.69 -13.01
N LYS A 536 -47.97 37.46 -12.50
CA LYS A 536 -49.25 36.89 -12.14
C LYS A 536 -49.32 36.48 -10.68
N PRO A 537 -49.16 37.46 -9.77
CA PRO A 537 -49.21 37.16 -8.34
C PRO A 537 -50.36 36.22 -8.02
N LYS A 538 -51.54 36.55 -8.55
CA LYS A 538 -52.76 35.78 -8.35
C LYS A 538 -52.79 34.42 -9.06
N ALA A 539 -51.86 34.19 -9.99
CA ALA A 539 -51.80 32.93 -10.70
C ALA A 539 -51.74 31.81 -9.68
N THR A 540 -52.63 30.83 -9.81
CA THR A 540 -52.67 29.71 -8.87
C THR A 540 -51.46 28.81 -9.03
N LYS A 541 -51.10 28.12 -7.95
CA LYS A 541 -49.97 27.20 -7.95
C LYS A 541 -50.22 26.08 -8.96
N GLU A 542 -51.49 25.89 -9.29
CA GLU A 542 -51.89 24.87 -10.24
C GLU A 542 -51.31 25.18 -11.61
N GLN A 543 -51.84 26.21 -12.25
CA GLN A 543 -51.37 26.61 -13.58
C GLN A 543 -49.86 26.82 -13.63
N LEU A 544 -49.29 27.32 -12.54
CA LEU A 544 -47.84 27.55 -12.49
C LEU A 544 -47.11 26.21 -12.54
N LYS A 545 -47.67 25.23 -11.82
CA LYS A 545 -47.09 23.89 -11.78
C LYS A 545 -47.16 23.24 -13.16
N ALA A 546 -47.66 23.97 -14.14
CA ALA A 546 -47.79 23.48 -15.51
C ALA A 546 -46.99 24.34 -16.48
N VAL A 547 -46.95 25.64 -16.23
CA VAL A 547 -46.22 26.57 -17.09
C VAL A 547 -44.72 26.27 -17.06
N MET A 548 -44.30 25.45 -16.10
CA MET A 548 -42.89 25.10 -15.99
C MET A 548 -42.58 24.05 -17.05
N ASP A 549 -43.40 23.00 -17.07
CA ASP A 549 -43.23 21.93 -18.04
C ASP A 549 -43.15 22.54 -19.44
N ASP A 550 -44.04 23.49 -19.70
CA ASP A 550 -44.09 24.18 -20.97
C ASP A 550 -42.76 24.85 -21.30
N PHE A 551 -42.01 25.23 -20.26
CA PHE A 551 -40.71 25.87 -20.47
C PHE A 551 -39.60 24.82 -20.53
N ALA A 552 -39.78 23.72 -19.80
CA ALA A 552 -38.80 22.65 -19.80
C ALA A 552 -38.70 22.13 -21.24
N ALA A 553 -39.83 22.09 -21.92
CA ALA A 553 -39.91 21.64 -23.29
C ALA A 553 -39.03 22.52 -24.17
N PHE A 554 -38.99 23.81 -23.84
CA PHE A 554 -38.20 24.78 -24.60
C PHE A 554 -36.71 24.43 -24.71
N VAL A 555 -36.00 24.45 -23.58
CA VAL A 555 -34.58 24.14 -23.56
C VAL A 555 -34.35 22.69 -24.02
N GLU A 556 -35.36 21.87 -23.82
CA GLU A 556 -35.31 20.47 -24.21
C GLU A 556 -35.11 20.33 -25.72
N LYS A 557 -36.16 20.65 -26.48
CA LYS A 557 -36.15 20.57 -27.93
C LYS A 557 -35.13 21.51 -28.56
N CYS A 558 -35.10 22.76 -28.08
CA CYS A 558 -34.19 23.76 -28.62
C CYS A 558 -32.73 23.35 -28.55
N CYS A 559 -32.33 22.74 -27.43
CA CYS A 559 -30.95 22.29 -27.25
C CYS A 559 -30.62 21.03 -28.06
N LYS A 560 -31.53 20.07 -28.04
CA LYS A 560 -31.35 18.81 -28.76
C LYS A 560 -31.51 18.99 -30.27
N ALA A 561 -32.25 20.04 -30.66
CA ALA A 561 -32.49 20.32 -32.07
C ALA A 561 -31.23 20.86 -32.72
N ASP A 562 -30.77 20.20 -33.78
CA ASP A 562 -29.58 20.61 -34.50
C ASP A 562 -29.95 21.75 -35.45
N ASP A 563 -29.96 22.97 -34.91
CA ASP A 563 -30.29 24.16 -35.68
C ASP A 563 -29.66 25.37 -34.99
N LYS A 564 -29.84 26.55 -35.58
CA LYS A 564 -29.28 27.76 -34.99
C LYS A 564 -30.08 28.08 -33.72
N GLU A 565 -29.84 29.25 -33.14
CA GLU A 565 -30.55 29.64 -31.93
C GLU A 565 -31.98 30.04 -32.29
N THR A 566 -32.45 29.52 -33.42
CA THR A 566 -33.80 29.81 -33.91
C THR A 566 -34.84 29.77 -32.80
N CYS A 567 -35.14 28.56 -32.33
CA CYS A 567 -36.11 28.38 -31.26
C CYS A 567 -35.91 29.34 -30.09
N PHE A 568 -34.66 29.69 -29.82
CA PHE A 568 -34.34 30.62 -28.74
C PHE A 568 -34.94 31.99 -29.06
N ALA A 569 -35.14 32.23 -30.35
CA ALA A 569 -35.69 33.49 -30.85
C ALA A 569 -37.13 33.29 -31.35
N GLU A 570 -37.32 32.23 -32.14
CA GLU A 570 -38.63 31.89 -32.71
C GLU A 570 -39.55 31.21 -31.70
N GLU A 571 -39.09 30.09 -31.14
CA GLU A 571 -39.88 29.34 -30.16
C GLU A 571 -39.95 30.12 -28.85
N GLY A 572 -39.02 31.06 -28.68
CA GLY A 572 -38.99 31.87 -27.46
C GLY A 572 -40.03 32.97 -27.48
N LYS A 573 -40.09 33.72 -28.58
CA LYS A 573 -41.04 34.81 -28.71
C LYS A 573 -42.43 34.25 -29.01
N LYS A 574 -42.46 32.97 -29.41
CA LYS A 574 -43.71 32.27 -29.72
C LYS A 574 -44.25 31.56 -28.49
N LEU A 575 -43.36 31.22 -27.56
CA LEU A 575 -43.77 30.55 -26.33
C LEU A 575 -44.33 31.57 -25.36
N VAL A 576 -44.02 32.84 -25.59
CA VAL A 576 -44.52 33.92 -24.75
C VAL A 576 -46.02 34.06 -24.95
N ALA A 577 -46.46 33.91 -26.20
CA ALA A 577 -47.87 34.01 -26.54
C ALA A 577 -48.63 32.87 -25.85
N ALA A 578 -47.92 31.78 -25.60
CA ALA A 578 -48.50 30.62 -24.93
C ALA A 578 -48.34 30.78 -23.42
N SER A 579 -48.13 32.02 -22.99
CA SER A 579 -47.95 32.32 -21.59
C SER A 579 -47.98 33.82 -21.35
N SER B 5 3.33 -5.90 -2.03
CA SER B 5 2.20 -6.50 -2.80
C SER B 5 2.68 -7.56 -3.80
N GLU B 6 3.99 -7.82 -3.81
CA GLU B 6 4.58 -8.81 -4.73
C GLU B 6 4.10 -10.21 -4.37
N VAL B 7 3.77 -10.41 -3.11
CA VAL B 7 3.26 -11.70 -2.65
C VAL B 7 2.07 -12.05 -3.54
N ALA B 8 1.30 -11.03 -3.91
CA ALA B 8 0.14 -11.20 -4.76
C ALA B 8 0.61 -11.50 -6.18
N HIS B 9 1.59 -10.75 -6.63
CA HIS B 9 2.16 -10.93 -7.96
C HIS B 9 2.51 -12.39 -8.19
N ARG B 10 3.05 -13.03 -7.15
CA ARG B 10 3.46 -14.42 -7.22
C ARG B 10 2.31 -15.42 -7.18
N PHE B 11 1.33 -15.16 -6.33
CA PHE B 11 0.18 -16.03 -6.21
C PHE B 11 -0.56 -16.08 -7.53
N LYS B 12 -0.58 -14.96 -8.24
CA LYS B 12 -1.27 -14.87 -9.52
C LYS B 12 -0.55 -15.62 -10.63
N ASP B 13 0.74 -15.35 -10.79
CA ASP B 13 1.53 -15.99 -11.84
C ASP B 13 1.67 -17.50 -11.69
N LEU B 14 2.04 -17.94 -10.49
CA LEU B 14 2.23 -19.36 -10.25
C LEU B 14 0.94 -20.14 -10.07
N GLY B 15 -0.04 -19.55 -9.39
CA GLY B 15 -1.29 -20.24 -9.15
C GLY B 15 -1.34 -20.68 -7.70
N GLU B 16 -2.49 -21.20 -7.26
CA GLU B 16 -2.62 -21.61 -5.86
C GLU B 16 -1.80 -22.84 -5.46
N GLU B 17 -1.82 -23.87 -6.31
CA GLU B 17 -1.09 -25.10 -6.02
C GLU B 17 0.42 -24.94 -6.13
N ASN B 18 0.89 -24.53 -7.29
CA ASN B 18 2.32 -24.31 -7.51
C ASN B 18 2.83 -23.38 -6.42
N PHE B 19 2.00 -22.42 -6.01
CA PHE B 19 2.37 -21.46 -4.98
C PHE B 19 2.61 -22.14 -3.65
N LYS B 20 1.58 -22.80 -3.12
CA LYS B 20 1.72 -23.44 -1.83
C LYS B 20 2.71 -24.61 -1.80
N ALA B 21 3.11 -25.09 -2.98
CA ALA B 21 4.07 -26.17 -3.08
C ALA B 21 5.48 -25.57 -2.98
N LEU B 22 5.70 -24.47 -3.68
CA LEU B 22 6.98 -23.79 -3.67
C LEU B 22 7.26 -23.19 -2.30
N VAL B 23 6.22 -22.70 -1.64
CA VAL B 23 6.35 -22.12 -0.32
C VAL B 23 6.69 -23.14 0.76
N LEU B 24 6.21 -24.37 0.58
CA LEU B 24 6.47 -25.45 1.54
C LEU B 24 7.92 -25.95 1.38
N ILE B 25 8.40 -26.03 0.15
CA ILE B 25 9.75 -26.48 -0.15
C ILE B 25 10.72 -25.45 0.42
N ALA B 26 10.41 -24.18 0.18
CA ALA B 26 11.23 -23.07 0.64
C ALA B 26 11.33 -23.12 2.15
N PHE B 27 10.24 -23.52 2.80
CA PHE B 27 10.19 -23.62 4.25
C PHE B 27 10.91 -24.86 4.77
N ALA B 28 10.76 -25.96 4.04
CA ALA B 28 11.39 -27.22 4.44
C ALA B 28 12.91 -27.14 4.25
N GLN B 29 13.37 -26.15 3.48
CA GLN B 29 14.80 -25.99 3.23
C GLN B 29 15.46 -24.98 4.18
N TYR B 30 14.69 -23.99 4.63
CA TYR B 30 15.20 -22.97 5.55
C TYR B 30 15.20 -23.47 6.99
N LEU B 31 14.55 -24.60 7.23
CA LEU B 31 14.44 -25.18 8.58
C LEU B 31 14.16 -26.67 8.51
N GLN B 32 15.14 -27.41 8.01
CA GLN B 32 15.05 -28.84 7.84
C GLN B 32 14.75 -29.63 9.11
N GLN B 33 14.87 -28.97 10.26
CA GLN B 33 14.65 -29.64 11.53
C GLN B 33 13.25 -29.72 12.10
N CYS B 34 12.37 -28.79 11.72
CA CYS B 34 11.02 -28.79 12.25
C CYS B 34 10.04 -29.77 11.59
N PRO B 35 9.01 -30.22 12.34
CA PRO B 35 7.97 -31.16 11.91
C PRO B 35 7.06 -30.69 10.78
N PHE B 36 6.53 -31.68 10.06
CA PHE B 36 5.62 -31.46 8.94
C PHE B 36 4.42 -30.59 9.37
N GLU B 37 3.76 -30.99 10.45
CA GLU B 37 2.62 -30.27 10.98
C GLU B 37 2.92 -28.78 11.10
N ASP B 38 4.01 -28.47 11.81
CA ASP B 38 4.45 -27.09 12.02
C ASP B 38 4.61 -26.37 10.69
N HIS B 39 5.18 -27.07 9.71
CA HIS B 39 5.39 -26.48 8.38
C HIS B 39 4.11 -26.28 7.58
N VAL B 40 3.28 -27.32 7.51
CA VAL B 40 2.04 -27.22 6.75
C VAL B 40 1.18 -26.08 7.30
N LYS B 41 1.26 -25.88 8.61
CA LYS B 41 0.50 -24.81 9.24
C LYS B 41 0.99 -23.48 8.69
N LEU B 42 2.29 -23.23 8.85
CA LEU B 42 2.90 -21.99 8.38
C LEU B 42 2.58 -21.72 6.91
N VAL B 43 2.59 -22.77 6.09
CA VAL B 43 2.31 -22.61 4.67
C VAL B 43 0.88 -22.09 4.45
N ASN B 44 -0.10 -22.76 5.04
CA ASN B 44 -1.49 -22.32 4.88
C ASN B 44 -1.70 -20.92 5.45
N GLU B 45 -1.17 -20.66 6.66
CA GLU B 45 -1.29 -19.33 7.24
C GLU B 45 -0.79 -18.30 6.22
N VAL B 46 0.28 -18.65 5.52
CA VAL B 46 0.87 -17.77 4.51
C VAL B 46 0.03 -17.74 3.23
N THR B 47 -0.53 -18.90 2.87
CA THR B 47 -1.36 -18.99 1.66
C THR B 47 -2.59 -18.11 1.85
N GLU B 48 -3.25 -18.31 2.98
CA GLU B 48 -4.43 -17.55 3.33
C GLU B 48 -4.04 -16.08 3.23
N PHE B 49 -3.04 -15.70 4.02
CA PHE B 49 -2.53 -14.33 4.04
C PHE B 49 -2.26 -13.77 2.64
N ALA B 50 -1.93 -14.65 1.70
CA ALA B 50 -1.63 -14.24 0.35
C ALA B 50 -2.87 -13.88 -0.46
N LYS B 51 -3.97 -14.58 -0.20
CA LYS B 51 -5.22 -14.32 -0.91
C LYS B 51 -5.79 -12.95 -0.55
N THR B 52 -5.78 -12.62 0.74
CA THR B 52 -6.30 -11.33 1.22
C THR B 52 -5.56 -10.21 0.52
N CYS B 53 -4.31 -10.46 0.16
CA CYS B 53 -3.48 -9.47 -0.53
C CYS B 53 -3.84 -9.42 -2.02
N VAL B 54 -4.52 -10.45 -2.50
CA VAL B 54 -4.93 -10.51 -3.90
C VAL B 54 -6.16 -9.65 -4.13
N ALA B 55 -6.93 -9.43 -3.06
CA ALA B 55 -8.13 -8.61 -3.13
C ALA B 55 -7.68 -7.15 -3.14
N ASP B 56 -7.35 -6.61 -1.98
CA ASP B 56 -6.88 -5.24 -1.90
C ASP B 56 -5.37 -5.23 -1.69
N GLU B 57 -4.64 -5.01 -2.79
CA GLU B 57 -3.18 -4.98 -2.81
C GLU B 57 -2.57 -4.11 -1.71
N SER B 58 -3.29 -3.07 -1.30
CA SER B 58 -2.80 -2.16 -0.28
C SER B 58 -3.29 -2.52 1.15
N ALA B 59 -3.76 -3.76 1.33
CA ALA B 59 -4.20 -4.22 2.67
C ALA B 59 -3.02 -4.43 3.63
N GLU B 60 -3.28 -4.78 4.90
CA GLU B 60 -2.26 -5.03 5.94
C GLU B 60 -0.97 -5.72 5.42
N ASN B 61 0.20 -5.19 5.72
CA ASN B 61 1.57 -5.69 5.34
C ASN B 61 1.78 -6.52 4.05
N CYS B 62 0.95 -6.31 3.06
CA CYS B 62 1.16 -7.01 1.82
C CYS B 62 2.30 -6.34 1.06
N ASP B 63 2.63 -5.10 1.41
CA ASP B 63 3.70 -4.36 0.75
C ASP B 63 5.07 -4.99 0.98
N LYS B 64 5.32 -5.40 2.22
CA LYS B 64 6.57 -6.03 2.61
C LYS B 64 7.12 -6.99 1.55
N SER B 65 8.39 -7.35 1.69
CA SER B 65 9.03 -8.26 0.76
C SER B 65 8.85 -9.71 1.23
N LEU B 66 8.90 -10.64 0.27
CA LEU B 66 8.76 -12.05 0.57
C LEU B 66 9.67 -12.49 1.70
N HIS B 67 10.94 -12.06 1.64
CA HIS B 67 11.92 -12.40 2.65
C HIS B 67 11.45 -12.05 4.06
N THR B 68 10.98 -10.83 4.24
CA THR B 68 10.52 -10.38 5.55
C THR B 68 9.32 -11.22 6.00
N LEU B 69 8.35 -11.37 5.10
CA LEU B 69 7.15 -12.16 5.39
C LEU B 69 7.49 -13.61 5.72
N PHE B 70 8.27 -14.24 4.85
CA PHE B 70 8.67 -15.63 5.04
C PHE B 70 9.50 -15.74 6.32
N GLY B 71 10.26 -14.70 6.61
CA GLY B 71 11.11 -14.68 7.79
C GLY B 71 10.34 -14.67 9.10
N ASP B 72 9.46 -13.69 9.27
CA ASP B 72 8.67 -13.56 10.50
C ASP B 72 7.88 -14.84 10.77
N LYS B 73 7.42 -15.50 9.71
CA LYS B 73 6.65 -16.73 9.86
C LYS B 73 7.45 -17.88 10.44
N LEU B 74 8.57 -18.21 9.81
CA LEU B 74 9.41 -19.31 10.27
C LEU B 74 9.83 -19.15 11.72
N CYS B 75 10.20 -17.93 12.07
CA CYS B 75 10.65 -17.63 13.44
C CYS B 75 9.61 -17.91 14.51
N THR B 76 8.33 -17.86 14.16
CA THR B 76 7.26 -18.12 15.12
C THR B 76 6.86 -19.60 15.11
N ASP B 89 19.85 -17.44 16.86
CA ASP B 89 20.78 -16.40 16.40
C ASP B 89 20.24 -15.70 15.18
N CYS B 90 19.70 -16.49 14.25
CA CYS B 90 19.16 -15.95 13.00
C CYS B 90 18.03 -14.95 13.13
N CYS B 91 16.94 -15.36 13.77
CA CYS B 91 15.78 -14.50 13.94
C CYS B 91 16.13 -13.23 14.70
N ALA B 92 16.94 -13.40 15.75
CA ALA B 92 17.36 -12.27 16.57
C ALA B 92 17.94 -11.15 15.71
N LYS B 93 18.25 -11.46 14.45
CA LYS B 93 18.82 -10.49 13.53
C LYS B 93 17.74 -9.89 12.63
N GLN B 94 18.11 -8.85 11.89
CA GLN B 94 17.20 -8.18 10.98
C GLN B 94 17.58 -8.43 9.52
N GLU B 95 16.65 -8.14 8.61
CA GLU B 95 16.85 -8.34 7.18
C GLU B 95 17.76 -7.25 6.59
N PRO B 96 18.62 -7.61 5.61
CA PRO B 96 18.83 -8.94 5.02
C PRO B 96 19.70 -9.89 5.83
N GLU B 97 20.16 -9.46 7.01
CA GLU B 97 21.00 -10.31 7.84
C GLU B 97 20.27 -11.57 8.31
N ARG B 98 18.96 -11.46 8.52
CA ARG B 98 18.16 -12.59 8.96
C ARG B 98 18.12 -13.68 7.89
N ASN B 99 17.80 -13.29 6.66
CA ASN B 99 17.73 -14.25 5.55
C ASN B 99 19.06 -14.97 5.31
N GLU B 100 20.12 -14.18 5.13
CA GLU B 100 21.46 -14.72 4.89
C GLU B 100 21.85 -15.72 5.99
N CYS B 101 21.40 -15.44 7.20
CA CYS B 101 21.68 -16.29 8.35
C CYS B 101 21.02 -17.66 8.18
N PHE B 102 19.86 -17.68 7.55
CA PHE B 102 19.15 -18.94 7.31
C PHE B 102 19.93 -19.72 6.24
N LEU B 103 20.19 -19.07 5.12
CA LEU B 103 20.93 -19.70 4.04
C LEU B 103 22.21 -20.33 4.53
N GLN B 104 23.09 -19.51 5.10
CA GLN B 104 24.37 -20.00 5.59
C GLN B 104 24.23 -20.98 6.75
N HIS B 105 23.03 -21.55 6.88
CA HIS B 105 22.79 -22.52 7.95
C HIS B 105 22.19 -23.82 7.44
N LYS B 106 22.06 -23.95 6.12
CA LYS B 106 21.54 -25.18 5.56
C LYS B 106 22.53 -26.31 5.86
N ASP B 107 22.01 -27.51 6.01
CA ASP B 107 22.85 -28.66 6.31
C ASP B 107 22.80 -29.57 5.09
N ASP B 108 23.93 -29.72 4.40
CA ASP B 108 24.00 -30.58 3.23
C ASP B 108 23.86 -32.04 3.65
N ASN B 109 24.21 -32.33 4.90
CA ASN B 109 24.11 -33.70 5.42
C ASN B 109 23.36 -33.62 6.75
N PRO B 110 22.02 -33.54 6.70
CA PRO B 110 21.19 -33.45 7.90
C PRO B 110 21.12 -34.76 8.67
N ASN B 111 21.38 -34.68 9.96
CA ASN B 111 21.30 -35.86 10.80
C ASN B 111 19.81 -36.17 11.04
N LEU B 112 19.19 -36.81 10.06
CA LEU B 112 17.77 -37.15 10.14
C LEU B 112 17.51 -38.64 10.02
N PRO B 113 16.44 -39.13 10.69
CA PRO B 113 16.06 -40.54 10.66
C PRO B 113 15.96 -41.07 9.25
N ARG B 114 16.57 -42.22 9.00
CA ARG B 114 16.50 -42.81 7.67
C ARG B 114 15.04 -42.85 7.25
N LEU B 115 14.77 -42.76 5.96
CA LEU B 115 13.40 -42.81 5.47
C LEU B 115 13.20 -44.01 4.55
N VAL B 116 12.69 -45.10 5.13
CA VAL B 116 12.45 -46.32 4.39
C VAL B 116 10.98 -46.51 4.01
N ARG B 117 10.75 -47.00 2.79
CA ARG B 117 9.40 -47.22 2.29
C ARG B 117 8.72 -48.40 2.97
N PRO B 118 7.50 -48.21 3.51
CA PRO B 118 6.79 -49.31 4.17
C PRO B 118 6.20 -50.23 3.12
N GLU B 119 5.43 -51.22 3.57
CA GLU B 119 4.80 -52.15 2.64
C GLU B 119 4.06 -51.36 1.57
N VAL B 120 3.91 -51.92 0.38
CA VAL B 120 3.21 -51.23 -0.69
C VAL B 120 1.78 -50.84 -0.30
N ASP B 121 1.04 -51.76 0.29
CA ASP B 121 -0.34 -51.50 0.72
C ASP B 121 -0.45 -50.30 1.65
N VAL B 122 0.57 -50.11 2.49
CA VAL B 122 0.57 -48.99 3.43
C VAL B 122 0.66 -47.66 2.69
N MET B 123 1.51 -47.61 1.66
CA MET B 123 1.67 -46.40 0.88
C MET B 123 0.38 -46.08 0.13
N CYS B 124 -0.19 -47.09 -0.53
CA CYS B 124 -1.42 -46.90 -1.26
C CYS B 124 -2.60 -46.58 -0.35
N THR B 125 -2.52 -47.04 0.89
CA THR B 125 -3.60 -46.78 1.84
C THR B 125 -3.48 -45.33 2.29
N ALA B 126 -2.26 -44.87 2.53
CA ALA B 126 -2.03 -43.49 2.95
C ALA B 126 -2.32 -42.54 1.78
N PHE B 127 -2.11 -43.03 0.56
CA PHE B 127 -2.34 -42.21 -0.61
C PHE B 127 -3.81 -41.87 -0.86
N HIS B 128 -4.70 -42.84 -0.65
CA HIS B 128 -6.12 -42.61 -0.87
C HIS B 128 -6.84 -42.07 0.38
N ASP B 129 -6.29 -42.38 1.55
CA ASP B 129 -6.84 -41.89 2.82
C ASP B 129 -6.87 -40.37 2.78
N ASN B 130 -5.78 -39.78 2.27
CA ASN B 130 -5.63 -38.33 2.17
C ASN B 130 -4.45 -38.07 1.27
N GLU B 131 -4.70 -37.91 -0.03
CA GLU B 131 -3.61 -37.69 -0.97
C GLU B 131 -3.04 -36.29 -1.00
N GLU B 132 -3.77 -35.33 -0.44
CA GLU B 132 -3.27 -33.95 -0.43
C GLU B 132 -2.13 -33.85 0.57
N THR B 133 -2.24 -34.54 1.70
CA THR B 133 -1.19 -34.52 2.71
C THR B 133 -0.12 -35.54 2.33
N PHE B 134 -0.46 -36.47 1.44
CA PHE B 134 0.48 -37.48 1.02
C PHE B 134 1.58 -36.82 0.18
N LEU B 135 1.17 -36.02 -0.81
CA LEU B 135 2.11 -35.32 -1.68
C LEU B 135 2.86 -34.20 -0.96
N LYS B 136 2.22 -33.57 0.03
CA LYS B 136 2.89 -32.53 0.78
C LYS B 136 3.99 -33.20 1.60
N LYS B 137 3.78 -34.47 1.96
CA LYS B 137 4.76 -35.23 2.73
C LYS B 137 5.95 -35.58 1.82
N TYR B 138 5.66 -35.78 0.54
CA TYR B 138 6.66 -36.11 -0.45
C TYR B 138 7.60 -34.91 -0.60
N LEU B 139 7.04 -33.76 -0.91
CA LEU B 139 7.82 -32.54 -1.06
C LEU B 139 8.62 -32.24 0.19
N TYR B 140 7.94 -32.17 1.33
CA TYR B 140 8.60 -31.90 2.59
C TYR B 140 9.81 -32.82 2.86
N GLU B 141 9.60 -34.13 2.80
CA GLU B 141 10.67 -35.09 3.05
C GLU B 141 11.86 -34.99 2.11
N ILE B 142 11.60 -34.60 0.86
CA ILE B 142 12.66 -34.48 -0.11
C ILE B 142 13.36 -33.12 0.03
N ALA B 143 12.58 -32.06 0.20
CA ALA B 143 13.13 -30.73 0.31
C ALA B 143 14.03 -30.51 1.52
N ARG B 144 13.76 -31.22 2.61
CA ARG B 144 14.54 -31.10 3.84
C ARG B 144 15.83 -31.91 3.81
N ARG B 145 15.84 -32.97 3.00
CA ARG B 145 17.03 -33.81 2.88
C ARG B 145 17.91 -33.33 1.72
N HIS B 146 17.40 -32.39 0.94
CA HIS B 146 18.12 -31.84 -0.21
C HIS B 146 17.86 -30.35 -0.30
N PRO B 147 18.40 -29.58 0.67
CA PRO B 147 18.27 -28.13 0.79
C PRO B 147 18.51 -27.28 -0.45
N TYR B 148 19.08 -27.89 -1.49
CA TYR B 148 19.34 -27.14 -2.72
C TYR B 148 18.66 -27.71 -3.95
N PHE B 149 17.74 -28.66 -3.73
CA PHE B 149 17.05 -29.28 -4.87
C PHE B 149 16.47 -28.19 -5.75
N TYR B 150 16.51 -28.37 -7.06
CA TYR B 150 15.95 -27.38 -7.99
C TYR B 150 14.44 -27.32 -7.85
N ALA B 151 13.94 -26.37 -7.07
CA ALA B 151 12.51 -26.24 -6.79
C ALA B 151 11.54 -26.62 -7.92
N PRO B 152 11.58 -25.90 -9.06
CA PRO B 152 10.68 -26.20 -10.17
C PRO B 152 10.68 -27.66 -10.62
N GLU B 153 11.87 -28.26 -10.64
CA GLU B 153 12.02 -29.64 -11.05
C GLU B 153 11.45 -30.61 -10.05
N LEU B 154 11.39 -30.17 -8.79
CA LEU B 154 10.84 -30.98 -7.72
C LEU B 154 9.33 -31.08 -7.91
N LEU B 155 8.75 -30.06 -8.54
CA LEU B 155 7.32 -30.06 -8.79
C LEU B 155 7.00 -31.04 -9.91
N PHE B 156 7.97 -31.22 -10.81
CA PHE B 156 7.80 -32.17 -11.91
C PHE B 156 7.88 -33.58 -11.30
N PHE B 157 8.83 -33.80 -10.40
CA PHE B 157 8.97 -35.12 -9.77
C PHE B 157 7.74 -35.55 -8.98
N ALA B 158 7.16 -34.63 -8.21
CA ALA B 158 5.97 -34.94 -7.43
C ALA B 158 4.85 -35.36 -8.39
N LYS B 159 4.81 -34.74 -9.56
CA LYS B 159 3.82 -35.06 -10.57
C LYS B 159 4.00 -36.52 -10.96
N ARG B 160 5.19 -36.87 -11.44
CA ARG B 160 5.48 -38.25 -11.82
C ARG B 160 5.16 -39.20 -10.65
N TYR B 161 5.46 -38.75 -9.43
CA TYR B 161 5.23 -39.52 -8.21
C TYR B 161 3.74 -39.81 -8.02
N LYS B 162 2.92 -38.78 -8.17
CA LYS B 162 1.49 -38.94 -8.03
C LYS B 162 0.94 -39.86 -9.12
N ALA B 163 1.62 -39.90 -10.27
CA ALA B 163 1.20 -40.74 -11.38
C ALA B 163 1.55 -42.22 -11.18
N ALA B 164 2.64 -42.46 -10.47
CA ALA B 164 3.04 -43.83 -10.22
C ALA B 164 2.07 -44.49 -9.25
N PHE B 165 1.33 -43.68 -8.57
CA PHE B 165 0.41 -44.19 -7.61
C PHE B 165 -0.98 -44.33 -8.20
N THR B 166 -1.47 -43.21 -8.67
CA THR B 166 -2.79 -43.13 -9.24
C THR B 166 -3.00 -44.35 -10.15
N GLU B 167 -1.92 -44.90 -10.66
CA GLU B 167 -2.00 -46.05 -11.56
C GLU B 167 -1.75 -47.43 -10.94
N CYS B 168 -0.69 -47.56 -10.17
CA CYS B 168 -0.36 -48.85 -9.56
C CYS B 168 -1.30 -49.29 -8.43
N CYS B 169 -1.60 -48.37 -7.53
CA CYS B 169 -2.45 -48.63 -6.39
C CYS B 169 -3.80 -49.30 -6.64
N GLN B 170 -4.15 -49.49 -7.91
CA GLN B 170 -5.42 -50.12 -8.24
C GLN B 170 -5.41 -50.73 -9.64
N ALA B 171 -4.54 -51.71 -9.86
CA ALA B 171 -4.45 -52.34 -11.18
C ALA B 171 -3.75 -53.69 -11.19
N ALA B 172 -2.44 -53.65 -11.42
CA ALA B 172 -1.63 -54.87 -11.49
C ALA B 172 -1.81 -55.77 -10.28
N ASP B 173 -2.32 -55.20 -9.19
CA ASP B 173 -2.52 -55.96 -7.95
C ASP B 173 -1.16 -56.46 -7.49
N LYS B 174 -0.11 -55.94 -8.12
CA LYS B 174 1.26 -56.31 -7.79
C LYS B 174 2.11 -55.05 -7.59
N ALA B 175 2.91 -55.07 -6.52
CA ALA B 175 3.78 -53.95 -6.20
C ALA B 175 4.79 -53.75 -7.32
N ALA B 176 4.99 -54.79 -8.13
CA ALA B 176 5.92 -54.75 -9.26
C ALA B 176 5.42 -53.75 -10.30
N CYS B 177 4.89 -52.65 -9.81
CA CYS B 177 4.36 -51.58 -10.65
C CYS B 177 4.78 -50.26 -10.02
N LEU B 178 4.93 -50.27 -8.70
CA LEU B 178 5.31 -49.08 -7.95
C LEU B 178 6.81 -49.00 -7.73
N LEU B 179 7.39 -50.00 -7.07
CA LEU B 179 8.82 -50.02 -6.80
C LEU B 179 9.65 -49.66 -8.03
N PRO B 180 9.40 -50.32 -9.17
CA PRO B 180 10.17 -50.02 -10.40
C PRO B 180 10.13 -48.54 -10.78
N LYS B 181 8.98 -47.88 -10.61
CA LYS B 181 8.85 -46.46 -10.95
C LYS B 181 9.35 -45.54 -9.84
N LEU B 182 9.22 -45.99 -8.59
CA LEU B 182 9.69 -45.19 -7.45
C LEU B 182 11.22 -45.21 -7.45
N ASP B 183 11.81 -46.37 -7.70
CA ASP B 183 13.27 -46.48 -7.74
C ASP B 183 13.82 -45.61 -8.85
N GLU B 184 13.17 -45.64 -10.01
CA GLU B 184 13.60 -44.82 -11.13
C GLU B 184 13.55 -43.36 -10.70
N LEU B 185 12.48 -42.98 -10.02
CA LEU B 185 12.32 -41.61 -9.56
C LEU B 185 13.41 -41.24 -8.60
N ARG B 186 13.64 -42.09 -7.62
CA ARG B 186 14.66 -41.87 -6.63
C ARG B 186 16.04 -41.52 -7.20
N ASP B 187 16.46 -42.31 -8.18
CA ASP B 187 17.78 -42.10 -8.79
C ASP B 187 17.86 -40.81 -9.59
N GLU B 188 16.91 -40.66 -10.52
CA GLU B 188 16.85 -39.48 -11.36
C GLU B 188 16.85 -38.24 -10.48
N GLY B 189 16.18 -38.35 -9.33
CA GLY B 189 16.12 -37.23 -8.42
C GLY B 189 17.42 -37.01 -7.66
N LYS B 190 18.18 -38.08 -7.46
CA LYS B 190 19.45 -37.98 -6.75
C LYS B 190 20.48 -37.32 -7.64
N ALA B 191 20.43 -37.65 -8.92
CA ALA B 191 21.35 -37.06 -9.89
C ALA B 191 20.99 -35.59 -10.02
N SER B 192 19.70 -35.32 -10.14
CA SER B 192 19.19 -33.97 -10.25
C SER B 192 19.71 -33.08 -9.13
N SER B 193 19.57 -33.58 -7.90
CA SER B 193 20.02 -32.86 -6.72
C SER B 193 21.51 -32.51 -6.82
N ALA B 194 22.31 -33.47 -7.27
CA ALA B 194 23.76 -33.30 -7.40
C ALA B 194 24.16 -32.31 -8.48
N LYS B 195 23.52 -32.37 -9.65
CA LYS B 195 23.78 -31.45 -10.75
C LYS B 195 23.45 -30.05 -10.24
N GLN B 196 22.31 -29.93 -9.55
CA GLN B 196 21.93 -28.64 -9.02
C GLN B 196 22.84 -28.17 -7.88
N ARG B 197 23.33 -29.10 -7.07
CA ARG B 197 24.22 -28.74 -5.96
C ARG B 197 25.48 -28.06 -6.51
N LEU B 198 25.97 -28.58 -7.62
CA LEU B 198 27.15 -28.02 -8.27
C LEU B 198 26.89 -26.62 -8.84
N LYS B 199 25.72 -26.42 -9.48
CA LYS B 199 25.39 -25.10 -10.04
C LYS B 199 25.38 -24.05 -8.93
N CYS B 200 24.83 -24.42 -7.78
CA CYS B 200 24.77 -23.50 -6.65
C CYS B 200 26.16 -23.27 -6.08
N ALA B 201 26.95 -24.33 -5.97
CA ALA B 201 28.31 -24.19 -5.42
C ALA B 201 29.09 -23.23 -6.32
N SER B 202 28.89 -23.34 -7.62
CA SER B 202 29.57 -22.46 -8.58
C SER B 202 29.28 -21.01 -8.30
N LEU B 203 28.00 -20.67 -8.34
CA LEU B 203 27.56 -19.31 -8.10
C LEU B 203 28.06 -18.77 -6.76
N GLN B 204 27.89 -19.57 -5.71
CA GLN B 204 28.26 -19.16 -4.36
C GLN B 204 29.75 -19.06 -3.98
N LYS B 205 30.61 -19.91 -4.56
CA LYS B 205 32.02 -19.87 -4.19
C LYS B 205 32.92 -19.32 -5.26
N PHE B 206 32.55 -19.52 -6.52
CA PHE B 206 33.37 -19.05 -7.66
C PHE B 206 32.84 -17.81 -8.31
N GLY B 207 31.60 -17.41 -8.02
CA GLY B 207 31.06 -16.21 -8.63
C GLY B 207 30.29 -16.47 -9.89
N GLU B 208 29.53 -15.49 -10.35
CA GLU B 208 28.73 -15.67 -11.55
C GLU B 208 29.55 -15.72 -12.83
N ARG B 209 30.78 -15.23 -12.78
CA ARG B 209 31.63 -15.27 -13.96
C ARG B 209 31.86 -16.75 -14.32
N ALA B 210 32.08 -17.59 -13.31
CA ALA B 210 32.32 -19.01 -13.52
C ALA B 210 31.07 -19.71 -14.04
N PHE B 211 29.94 -19.45 -13.40
CA PHE B 211 28.72 -20.07 -13.83
C PHE B 211 28.45 -19.69 -15.28
N LYS B 212 28.56 -18.41 -15.60
CA LYS B 212 28.30 -17.97 -16.97
C LYS B 212 29.10 -18.70 -18.01
N ALA B 213 30.39 -18.91 -17.74
CA ALA B 213 31.24 -19.61 -18.68
C ALA B 213 30.79 -21.04 -18.86
N TRP B 214 30.30 -21.64 -17.78
CA TRP B 214 29.79 -23.01 -17.88
C TRP B 214 28.58 -23.05 -18.82
N ALA B 215 27.63 -22.13 -18.59
CA ALA B 215 26.43 -22.04 -19.41
C ALA B 215 26.76 -21.78 -20.89
N VAL B 216 27.57 -20.76 -21.15
CA VAL B 216 27.93 -20.44 -22.51
C VAL B 216 28.43 -21.68 -23.24
N ALA B 217 29.37 -22.40 -22.64
CA ALA B 217 29.91 -23.61 -23.26
C ALA B 217 28.90 -24.75 -23.37
N ARG B 218 28.06 -24.90 -22.35
CA ARG B 218 27.07 -25.98 -22.39
C ARG B 218 25.99 -25.72 -23.45
N LEU B 219 25.41 -24.52 -23.46
CA LEU B 219 24.36 -24.17 -24.42
C LEU B 219 24.84 -24.12 -25.85
N SER B 220 26.12 -23.79 -26.05
CA SER B 220 26.67 -23.72 -27.40
C SER B 220 26.86 -25.11 -27.97
N GLN B 221 27.05 -26.11 -27.11
CA GLN B 221 27.21 -27.49 -27.59
C GLN B 221 25.82 -27.97 -27.99
N ARG B 222 24.84 -27.53 -27.21
CA ARG B 222 23.44 -27.90 -27.38
C ARG B 222 22.76 -27.14 -28.52
N PHE B 223 23.03 -25.84 -28.62
CA PHE B 223 22.43 -25.01 -29.65
C PHE B 223 23.52 -24.45 -30.57
N PRO B 224 24.24 -25.35 -31.27
CA PRO B 224 25.33 -24.98 -32.18
C PRO B 224 24.91 -24.12 -33.36
N LYS B 225 23.60 -23.98 -33.56
CA LYS B 225 23.12 -23.18 -34.67
C LYS B 225 22.90 -21.75 -34.26
N ALA B 226 22.46 -21.56 -33.02
CA ALA B 226 22.21 -20.22 -32.48
C ALA B 226 23.41 -19.29 -32.62
N GLU B 227 23.14 -17.99 -32.58
CA GLU B 227 24.20 -16.99 -32.70
C GLU B 227 24.62 -16.48 -31.34
N PHE B 228 25.87 -16.04 -31.25
CA PHE B 228 26.44 -15.54 -30.01
C PHE B 228 25.54 -14.58 -29.21
N ALA B 229 24.85 -13.69 -29.90
CA ALA B 229 23.99 -12.74 -29.19
C ALA B 229 22.80 -13.48 -28.58
N GLU B 230 22.30 -14.48 -29.29
CA GLU B 230 21.17 -15.23 -28.80
C GLU B 230 21.57 -15.99 -27.53
N VAL B 231 22.64 -16.78 -27.64
CA VAL B 231 23.12 -17.55 -26.52
C VAL B 231 23.40 -16.67 -25.31
N SER B 232 24.00 -15.51 -25.51
CA SER B 232 24.28 -14.63 -24.38
C SER B 232 22.99 -14.22 -23.69
N LYS B 233 21.93 -14.08 -24.47
CA LYS B 233 20.64 -13.70 -23.91
C LYS B 233 20.13 -14.85 -23.04
N LEU B 234 20.26 -16.07 -23.54
CA LEU B 234 19.83 -17.26 -22.81
C LEU B 234 20.64 -17.38 -21.51
N VAL B 235 21.95 -17.31 -21.64
CA VAL B 235 22.83 -17.41 -20.48
C VAL B 235 22.44 -16.42 -19.38
N THR B 236 22.21 -15.18 -19.76
CA THR B 236 21.84 -14.15 -18.80
C THR B 236 20.57 -14.50 -18.02
N ASP B 237 19.54 -14.98 -18.72
CA ASP B 237 18.28 -15.36 -18.07
C ASP B 237 18.48 -16.56 -17.17
N LEU B 238 19.07 -17.60 -17.74
CA LEU B 238 19.34 -18.84 -17.02
C LEU B 238 20.14 -18.57 -15.74
N THR B 239 21.10 -17.66 -15.85
CA THR B 239 21.94 -17.30 -14.70
C THR B 239 21.07 -16.71 -13.60
N LYS B 240 20.09 -15.90 -13.98
CA LYS B 240 19.19 -15.27 -13.01
C LYS B 240 18.31 -16.33 -12.32
N VAL B 241 17.82 -17.27 -13.11
CA VAL B 241 16.98 -18.35 -12.59
C VAL B 241 17.68 -19.03 -11.41
N HIS B 242 18.85 -19.58 -11.69
CA HIS B 242 19.62 -20.30 -10.68
C HIS B 242 20.12 -19.46 -9.54
N THR B 243 20.45 -18.20 -9.82
CA THR B 243 20.91 -17.33 -8.74
C THR B 243 19.79 -17.29 -7.71
N GLU B 244 18.56 -17.12 -8.19
CA GLU B 244 17.42 -17.05 -7.31
C GLU B 244 17.08 -18.36 -6.63
N CYS B 245 17.07 -19.45 -7.40
CA CYS B 245 16.76 -20.72 -6.76
C CYS B 245 17.84 -21.06 -5.74
N CYS B 246 19.11 -20.91 -6.13
CA CYS B 246 20.21 -21.21 -5.22
C CYS B 246 20.26 -20.32 -3.98
N HIS B 247 19.71 -19.12 -4.08
CA HIS B 247 19.70 -18.15 -2.98
C HIS B 247 18.47 -18.28 -2.07
N GLY B 248 17.52 -19.12 -2.48
CA GLY B 248 16.31 -19.33 -1.68
C GLY B 248 15.05 -18.59 -2.16
N ASP B 249 15.14 -17.91 -3.30
CA ASP B 249 14.00 -17.18 -3.84
C ASP B 249 13.28 -18.08 -4.83
N LEU B 250 12.68 -19.15 -4.31
CA LEU B 250 11.99 -20.15 -5.13
C LEU B 250 10.81 -19.62 -5.95
N LEU B 251 10.03 -18.73 -5.37
CA LEU B 251 8.89 -18.16 -6.08
C LEU B 251 9.36 -17.41 -7.31
N GLU B 252 10.33 -16.52 -7.15
CA GLU B 252 10.87 -15.74 -8.26
C GLU B 252 11.54 -16.61 -9.31
N CYS B 253 12.26 -17.63 -8.83
CA CYS B 253 12.96 -18.59 -9.70
C CYS B 253 11.99 -19.38 -10.57
N ALA B 254 10.97 -19.94 -9.94
CA ALA B 254 9.97 -20.72 -10.66
C ALA B 254 9.28 -19.81 -11.69
N ASP B 255 8.99 -18.60 -11.28
CA ASP B 255 8.34 -17.65 -12.17
C ASP B 255 9.21 -17.36 -13.39
N ASP B 256 10.48 -16.97 -13.15
CA ASP B 256 11.42 -16.65 -14.24
C ASP B 256 11.77 -17.86 -15.09
N ARG B 257 11.74 -19.04 -14.49
CA ARG B 257 12.05 -20.25 -15.24
C ARG B 257 10.95 -20.46 -16.27
N ALA B 258 9.71 -20.22 -15.86
CA ALA B 258 8.55 -20.36 -16.73
C ALA B 258 8.67 -19.44 -17.94
N ASP B 259 8.98 -18.17 -17.68
CA ASP B 259 9.14 -17.20 -18.75
C ASP B 259 10.24 -17.59 -19.74
N LEU B 260 11.31 -18.21 -19.25
CA LEU B 260 12.41 -18.64 -20.12
C LEU B 260 12.01 -19.74 -21.09
N ALA B 261 11.04 -20.56 -20.69
CA ALA B 261 10.55 -21.64 -21.54
C ALA B 261 9.67 -21.03 -22.63
N LYS B 262 8.90 -20.00 -22.28
CA LYS B 262 8.03 -19.31 -23.22
C LYS B 262 8.90 -18.76 -24.35
N TYR B 263 9.92 -17.99 -23.97
CA TYR B 263 10.84 -17.38 -24.92
C TYR B 263 11.50 -18.38 -25.87
N ILE B 264 12.19 -19.38 -25.31
CA ILE B 264 12.87 -20.37 -26.14
C ILE B 264 11.94 -21.02 -27.15
N CYS B 265 10.69 -21.27 -26.75
CA CYS B 265 9.74 -21.89 -27.64
C CYS B 265 9.27 -20.95 -28.73
N GLU B 266 9.19 -19.67 -28.40
CA GLU B 266 8.78 -18.66 -29.37
C GLU B 266 9.83 -18.54 -30.48
N ASN B 267 11.09 -18.38 -30.08
CA ASN B 267 12.17 -18.25 -31.06
C ASN B 267 12.78 -19.61 -31.41
N GLN B 268 11.93 -20.63 -31.39
CA GLN B 268 12.32 -22.01 -31.68
C GLN B 268 13.36 -22.17 -32.78
N ASP B 269 12.91 -22.24 -34.04
CA ASP B 269 13.81 -22.41 -35.20
C ASP B 269 15.04 -21.49 -35.16
N SER B 270 15.01 -20.51 -34.27
CA SER B 270 16.09 -19.55 -34.13
C SER B 270 17.11 -19.98 -33.03
N ILE B 271 16.91 -21.18 -32.49
CA ILE B 271 17.77 -21.69 -31.42
C ILE B 271 18.19 -23.15 -31.66
N SER B 272 17.21 -24.02 -31.84
CA SER B 272 17.46 -25.44 -32.05
C SER B 272 16.29 -26.02 -32.81
N SER B 273 16.49 -27.20 -33.40
CA SER B 273 15.41 -27.84 -34.13
C SER B 273 14.89 -29.07 -33.38
N LYS B 274 15.45 -29.33 -32.20
CA LYS B 274 15.04 -30.47 -31.39
C LYS B 274 14.09 -30.02 -30.29
N LEU B 275 13.65 -28.75 -30.37
CA LEU B 275 12.75 -28.20 -29.37
C LEU B 275 11.28 -28.41 -29.70
N LYS B 276 11.01 -29.21 -30.74
CA LYS B 276 9.64 -29.48 -31.17
C LYS B 276 8.83 -30.14 -30.06
N GLU B 277 9.17 -31.39 -29.76
CA GLU B 277 8.50 -32.18 -28.72
C GLU B 277 8.27 -31.36 -27.45
N CYS B 278 9.35 -30.87 -26.87
CA CYS B 278 9.30 -30.07 -25.65
C CYS B 278 8.22 -29.00 -25.66
N CYS B 279 8.34 -28.08 -26.61
CA CYS B 279 7.41 -26.97 -26.73
C CYS B 279 5.94 -27.36 -26.89
N GLU B 280 5.68 -28.65 -27.08
CA GLU B 280 4.32 -29.15 -27.23
C GLU B 280 3.77 -29.61 -25.88
N LYS B 281 4.67 -30.00 -24.99
CA LYS B 281 4.31 -30.48 -23.65
C LYS B 281 3.71 -29.38 -22.78
N PRO B 282 3.26 -29.74 -21.56
CA PRO B 282 2.68 -28.78 -20.61
C PRO B 282 3.79 -27.99 -19.91
N LEU B 283 3.43 -27.05 -19.06
CA LEU B 283 4.42 -26.22 -18.37
C LEU B 283 5.57 -27.01 -17.73
N LEU B 284 5.28 -27.75 -16.65
CA LEU B 284 6.32 -28.51 -15.98
C LEU B 284 7.14 -29.38 -16.93
N GLU B 285 6.50 -30.15 -17.79
CA GLU B 285 7.24 -31.01 -18.71
C GLU B 285 8.02 -30.23 -19.77
N LYS B 286 7.55 -29.04 -20.11
CA LYS B 286 8.24 -28.24 -21.11
C LYS B 286 9.62 -27.82 -20.62
N SER B 287 9.68 -27.25 -19.42
CA SER B 287 10.96 -26.81 -18.85
C SER B 287 11.93 -27.98 -18.69
N HIS B 288 11.44 -29.08 -18.13
CA HIS B 288 12.25 -30.27 -17.91
C HIS B 288 12.78 -30.86 -19.21
N CYS B 289 11.95 -30.81 -20.24
CA CYS B 289 12.31 -31.35 -21.54
C CYS B 289 13.47 -30.60 -22.19
N ILE B 290 13.33 -29.29 -22.37
CA ILE B 290 14.37 -28.48 -23.01
C ILE B 290 15.68 -28.49 -22.25
N ALA B 291 15.61 -28.56 -20.92
CA ALA B 291 16.82 -28.58 -20.11
C ALA B 291 17.60 -29.86 -20.33
N GLU B 292 16.96 -30.86 -20.94
CA GLU B 292 17.56 -32.16 -21.19
C GLU B 292 17.63 -32.45 -22.69
N VAL B 293 17.22 -31.49 -23.51
CA VAL B 293 17.22 -31.67 -24.96
C VAL B 293 18.57 -32.04 -25.53
N GLU B 294 18.58 -33.02 -26.44
CA GLU B 294 19.82 -33.48 -27.06
C GLU B 294 20.48 -32.37 -27.86
N ASN B 295 21.74 -32.57 -28.21
CA ASN B 295 22.50 -31.58 -28.97
C ASN B 295 22.02 -31.50 -30.41
N ASP B 296 21.73 -30.28 -30.87
CA ASP B 296 21.27 -30.09 -32.23
C ASP B 296 22.35 -30.47 -33.25
N GLU B 297 21.97 -30.51 -34.51
CA GLU B 297 22.87 -30.86 -35.60
C GLU B 297 23.92 -29.76 -35.67
N MET B 298 25.13 -30.10 -36.10
CA MET B 298 26.18 -29.09 -36.19
C MET B 298 26.15 -28.39 -37.54
N PRO B 299 26.09 -27.04 -37.53
CA PRO B 299 26.05 -26.21 -38.73
C PRO B 299 26.88 -26.71 -39.90
N ALA B 300 26.41 -26.39 -41.10
CA ALA B 300 27.03 -26.79 -42.36
C ALA B 300 28.55 -26.72 -42.44
N ASP B 301 29.06 -25.69 -43.10
CA ASP B 301 30.50 -25.50 -43.26
C ASP B 301 31.02 -24.36 -42.38
N LEU B 302 31.46 -24.73 -41.18
CA LEU B 302 31.98 -23.75 -40.24
C LEU B 302 33.44 -23.47 -40.57
N PRO B 303 33.84 -22.19 -40.55
CA PRO B 303 35.23 -21.83 -40.86
C PRO B 303 36.20 -22.42 -39.84
N SER B 304 37.49 -22.37 -40.15
CA SER B 304 38.50 -22.89 -39.25
C SER B 304 38.63 -21.91 -38.08
N LEU B 305 38.93 -22.41 -36.90
CA LEU B 305 39.04 -21.55 -35.72
C LEU B 305 40.32 -20.72 -35.67
N ALA B 306 41.40 -21.27 -36.18
CA ALA B 306 42.69 -20.58 -36.19
C ALA B 306 42.62 -19.25 -36.91
N ALA B 307 41.70 -19.12 -37.84
CA ALA B 307 41.54 -17.92 -38.64
C ALA B 307 41.31 -16.64 -37.84
N ASP B 308 40.33 -16.65 -36.95
CA ASP B 308 40.02 -15.46 -36.17
C ASP B 308 40.66 -15.40 -34.80
N PHE B 309 41.14 -16.55 -34.30
CA PHE B 309 41.72 -16.60 -32.96
C PHE B 309 43.20 -16.92 -32.86
N VAL B 310 43.85 -17.19 -33.99
CA VAL B 310 45.27 -17.49 -33.98
C VAL B 310 46.09 -16.74 -35.03
N GLU B 311 45.94 -17.09 -36.30
CA GLU B 311 46.72 -16.43 -37.33
C GLU B 311 46.50 -14.92 -37.34
N SER B 312 45.25 -14.49 -37.21
CA SER B 312 44.95 -13.07 -37.20
C SER B 312 45.95 -12.27 -36.37
N LYS B 313 46.14 -11.00 -36.72
CA LYS B 313 47.06 -10.13 -36.01
C LYS B 313 46.28 -9.11 -35.19
N ASP B 314 44.97 -9.30 -35.15
CA ASP B 314 44.07 -8.42 -34.39
C ASP B 314 43.73 -9.01 -33.02
N VAL B 315 44.21 -10.22 -32.77
CA VAL B 315 43.92 -10.91 -31.53
C VAL B 315 44.11 -10.03 -30.29
N CYS B 316 45.34 -9.67 -29.98
CA CYS B 316 45.60 -8.87 -28.80
C CYS B 316 44.80 -7.57 -28.69
N LYS B 317 44.47 -6.97 -29.84
CA LYS B 317 43.69 -5.75 -29.83
C LYS B 317 42.28 -6.06 -29.34
N ASN B 318 41.68 -7.11 -29.87
CA ASN B 318 40.32 -7.49 -29.48
C ASN B 318 40.29 -7.94 -28.02
N TYR B 319 41.31 -8.66 -27.60
CA TYR B 319 41.41 -9.15 -26.23
C TYR B 319 41.49 -7.98 -25.26
N ALA B 320 42.09 -6.88 -25.70
CA ALA B 320 42.23 -5.71 -24.86
C ALA B 320 40.95 -4.87 -24.83
N GLU B 321 40.34 -4.69 -25.99
CA GLU B 321 39.10 -3.91 -26.12
C GLU B 321 37.99 -4.44 -25.24
N ALA B 322 37.91 -5.77 -25.11
CA ALA B 322 36.89 -6.39 -24.29
C ALA B 322 37.18 -7.90 -24.21
N LYS B 323 38.07 -8.27 -23.28
CA LYS B 323 38.44 -9.68 -23.15
C LYS B 323 37.27 -10.57 -22.71
N ASP B 324 36.22 -9.98 -22.18
CA ASP B 324 35.06 -10.75 -21.76
C ASP B 324 34.31 -11.29 -22.96
N VAL B 325 33.88 -10.39 -23.84
CA VAL B 325 33.16 -10.80 -25.02
C VAL B 325 34.08 -11.61 -25.91
N PHE B 326 35.35 -11.25 -25.96
CA PHE B 326 36.29 -11.99 -26.81
C PHE B 326 36.42 -13.44 -26.36
N LEU B 327 36.63 -13.65 -25.06
CA LEU B 327 36.77 -14.99 -24.53
C LEU B 327 35.44 -15.72 -24.62
N GLY B 328 34.36 -14.98 -24.46
CA GLY B 328 33.03 -15.58 -24.55
C GLY B 328 32.76 -16.07 -25.96
N MET B 329 33.29 -15.37 -26.96
CA MET B 329 33.08 -15.78 -28.34
C MET B 329 33.98 -16.94 -28.69
N PHE B 330 35.13 -17.01 -28.04
CA PHE B 330 36.08 -18.08 -28.27
C PHE B 330 35.51 -19.39 -27.75
N LEU B 331 34.93 -19.34 -26.56
CA LEU B 331 34.35 -20.52 -25.94
C LEU B 331 33.19 -21.02 -26.80
N TYR B 332 32.29 -20.10 -27.15
CA TYR B 332 31.13 -20.40 -27.98
C TYR B 332 31.50 -21.07 -29.30
N GLU B 333 32.56 -20.58 -29.97
CA GLU B 333 32.99 -21.13 -31.24
C GLU B 333 33.67 -22.49 -31.10
N TYR B 334 34.42 -22.67 -30.02
CA TYR B 334 35.14 -23.93 -29.82
C TYR B 334 34.16 -24.99 -29.34
N ALA B 335 33.24 -24.57 -28.47
CA ALA B 335 32.23 -25.44 -27.91
C ALA B 335 31.22 -25.91 -28.94
N ARG B 336 30.66 -24.99 -29.71
CA ARG B 336 29.66 -25.35 -30.70
C ARG B 336 30.21 -26.35 -31.69
N ARG B 337 31.54 -26.35 -31.84
CA ARG B 337 32.21 -27.25 -32.76
C ARG B 337 32.63 -28.58 -32.15
N HIS B 338 32.50 -28.72 -30.84
CA HIS B 338 32.95 -29.95 -30.17
C HIS B 338 32.03 -30.55 -29.13
N PRO B 339 30.93 -31.19 -29.57
CA PRO B 339 30.06 -31.76 -28.55
C PRO B 339 30.71 -33.00 -27.93
N ASP B 340 31.85 -33.39 -28.48
CA ASP B 340 32.59 -34.57 -28.03
C ASP B 340 33.53 -34.26 -26.87
N TYR B 341 33.56 -33.00 -26.47
CA TYR B 341 34.41 -32.56 -25.37
C TYR B 341 33.53 -32.28 -24.16
N SER B 342 34.01 -32.61 -22.97
CA SER B 342 33.24 -32.33 -21.77
C SER B 342 33.26 -30.82 -21.58
N VAL B 343 32.34 -30.30 -20.77
CA VAL B 343 32.31 -28.88 -20.49
C VAL B 343 33.54 -28.43 -19.69
N VAL B 344 33.94 -29.17 -18.65
CA VAL B 344 35.14 -28.71 -17.92
C VAL B 344 36.35 -28.67 -18.84
N LEU B 345 36.45 -29.61 -19.78
CA LEU B 345 37.59 -29.60 -20.70
C LEU B 345 37.54 -28.30 -21.52
N LEU B 346 36.36 -27.94 -22.00
CA LEU B 346 36.21 -26.72 -22.78
C LEU B 346 36.61 -25.48 -22.00
N LEU B 347 36.17 -25.37 -20.74
CA LEU B 347 36.52 -24.22 -19.94
C LEU B 347 37.99 -24.23 -19.66
N ARG B 348 38.51 -25.44 -19.52
CA ARG B 348 39.92 -25.64 -19.24
C ARG B 348 40.73 -25.12 -20.44
N LEU B 349 40.30 -25.43 -21.66
CA LEU B 349 41.00 -24.94 -22.84
C LEU B 349 40.88 -23.43 -22.92
N ALA B 350 39.70 -22.91 -22.60
CA ALA B 350 39.45 -21.48 -22.66
C ALA B 350 40.36 -20.74 -21.71
N LYS B 351 40.62 -21.36 -20.55
CA LYS B 351 41.48 -20.72 -19.56
C LYS B 351 42.92 -20.71 -20.04
N THR B 352 43.28 -21.71 -20.83
CA THR B 352 44.63 -21.85 -21.37
C THR B 352 44.86 -20.80 -22.46
N TYR B 353 43.81 -20.51 -23.22
CA TYR B 353 43.87 -19.52 -24.28
C TYR B 353 44.12 -18.16 -23.61
N GLU B 354 43.25 -17.80 -22.68
CA GLU B 354 43.38 -16.55 -21.96
C GLU B 354 44.78 -16.37 -21.37
N THR B 355 45.20 -17.32 -20.55
CA THR B 355 46.52 -17.27 -19.93
C THR B 355 47.58 -16.93 -20.97
N THR B 356 47.52 -17.59 -22.13
CA THR B 356 48.49 -17.37 -23.20
C THR B 356 48.43 -15.95 -23.78
N LEU B 357 47.23 -15.41 -23.97
CA LEU B 357 47.11 -14.07 -24.50
C LEU B 357 47.68 -13.07 -23.53
N GLU B 358 47.36 -13.22 -22.26
CA GLU B 358 47.86 -12.31 -21.24
C GLU B 358 49.36 -12.12 -21.36
N LYS B 359 50.12 -13.22 -21.34
CA LYS B 359 51.56 -13.10 -21.43
C LYS B 359 52.04 -12.80 -22.85
N CYS B 360 51.41 -13.40 -23.84
CA CYS B 360 51.80 -13.18 -25.23
C CYS B 360 51.56 -11.78 -25.76
N CYS B 361 50.48 -11.16 -25.32
CA CYS B 361 50.12 -9.82 -25.76
C CYS B 361 50.98 -8.71 -25.19
N ALA B 362 51.79 -9.04 -24.19
CA ALA B 362 52.65 -8.04 -23.57
C ALA B 362 54.02 -8.02 -24.22
N ALA B 363 54.44 -9.16 -24.75
CA ALA B 363 55.74 -9.28 -25.40
C ALA B 363 55.85 -8.41 -26.66
N ALA B 364 57.01 -8.48 -27.30
CA ALA B 364 57.30 -7.71 -28.50
C ALA B 364 56.35 -8.06 -29.63
N ASP B 365 56.48 -9.27 -30.17
CA ASP B 365 55.62 -9.69 -31.25
C ASP B 365 54.67 -10.78 -30.75
N PRO B 366 53.43 -10.40 -30.45
CA PRO B 366 52.40 -11.33 -29.96
C PRO B 366 52.20 -12.50 -30.91
N HIS B 367 51.83 -12.18 -32.15
CA HIS B 367 51.57 -13.18 -33.18
C HIS B 367 52.52 -14.37 -33.21
N GLU B 368 53.76 -14.17 -32.78
CA GLU B 368 54.75 -15.24 -32.80
C GLU B 368 54.79 -16.00 -31.48
N CYS B 369 54.24 -15.38 -30.43
CA CYS B 369 54.20 -15.97 -29.11
C CYS B 369 52.97 -16.88 -28.98
N TYR B 370 51.80 -16.39 -29.37
CA TYR B 370 50.58 -17.18 -29.30
C TYR B 370 50.29 -17.92 -30.59
N ALA B 371 51.29 -18.02 -31.44
CA ALA B 371 51.14 -18.69 -32.72
C ALA B 371 50.80 -20.17 -32.59
N LYS B 372 51.38 -20.83 -31.61
CA LYS B 372 51.13 -22.26 -31.44
C LYS B 372 50.39 -22.62 -30.16
N VAL B 373 49.38 -21.83 -29.81
CA VAL B 373 48.62 -22.08 -28.60
C VAL B 373 47.81 -23.37 -28.72
N PHE B 374 47.42 -23.73 -29.94
CA PHE B 374 46.65 -24.94 -30.14
C PHE B 374 47.43 -26.19 -29.77
N ASP B 375 48.75 -26.13 -29.88
CA ASP B 375 49.59 -27.28 -29.53
C ASP B 375 49.58 -27.49 -28.02
N GLU B 376 49.13 -26.48 -27.27
CA GLU B 376 49.04 -26.61 -25.82
C GLU B 376 47.71 -27.25 -25.47
N PHE B 377 46.84 -27.32 -26.47
CA PHE B 377 45.53 -27.92 -26.28
C PHE B 377 45.65 -29.43 -26.34
N LYS B 378 46.65 -29.91 -27.10
CA LYS B 378 46.88 -31.35 -27.28
C LYS B 378 46.93 -32.17 -26.00
N PRO B 379 47.77 -31.78 -25.04
CA PRO B 379 47.85 -32.55 -23.80
C PRO B 379 46.59 -32.53 -22.94
N LEU B 380 45.86 -31.42 -22.97
CA LEU B 380 44.66 -31.29 -22.16
C LEU B 380 43.49 -32.09 -22.70
N VAL B 381 43.52 -32.37 -24.00
CA VAL B 381 42.44 -33.12 -24.64
C VAL B 381 42.71 -34.62 -24.51
N GLU B 382 43.98 -34.99 -24.54
CA GLU B 382 44.41 -36.38 -24.44
C GLU B 382 44.28 -36.99 -23.04
N GLU B 383 44.63 -36.23 -22.02
CA GLU B 383 44.56 -36.72 -20.66
C GLU B 383 43.17 -37.28 -20.31
N PRO B 384 42.10 -36.47 -20.48
CA PRO B 384 40.75 -36.95 -20.16
C PRO B 384 40.45 -38.22 -20.94
N GLN B 385 40.89 -38.26 -22.19
CA GLN B 385 40.65 -39.42 -23.02
C GLN B 385 41.32 -40.68 -22.46
N ASN B 386 42.59 -40.59 -22.09
CA ASN B 386 43.26 -41.77 -21.54
C ASN B 386 42.61 -42.21 -20.24
N LEU B 387 42.20 -41.27 -19.41
CA LEU B 387 41.58 -41.61 -18.14
C LEU B 387 40.24 -42.34 -18.29
N ILE B 388 39.39 -41.86 -19.19
CA ILE B 388 38.08 -42.49 -19.40
C ILE B 388 38.25 -43.84 -20.07
N LYS B 389 39.22 -43.96 -20.97
CA LYS B 389 39.45 -45.20 -21.67
C LYS B 389 39.97 -46.29 -20.75
N GLN B 390 40.81 -45.90 -19.79
CA GLN B 390 41.36 -46.86 -18.87
C GLN B 390 40.35 -47.32 -17.82
N ASN B 391 39.57 -46.39 -17.30
CA ASN B 391 38.58 -46.72 -16.28
C ASN B 391 37.42 -47.56 -16.82
N CYS B 392 37.07 -47.39 -18.09
CA CYS B 392 36.00 -48.16 -18.69
C CYS B 392 36.44 -49.59 -18.94
N GLU B 393 37.72 -49.77 -19.24
CA GLU B 393 38.21 -51.11 -19.47
C GLU B 393 38.15 -51.83 -18.12
N LEU B 394 38.82 -51.25 -17.13
CA LEU B 394 38.83 -51.82 -15.79
C LEU B 394 37.40 -52.13 -15.36
N PHE B 395 36.48 -51.24 -15.70
CA PHE B 395 35.07 -51.42 -15.35
C PHE B 395 34.50 -52.60 -16.13
N GLU B 396 34.84 -52.65 -17.42
CA GLU B 396 34.35 -53.70 -18.29
C GLU B 396 34.94 -55.09 -18.03
N GLN B 397 35.71 -55.25 -16.96
CA GLN B 397 36.26 -56.56 -16.67
C GLN B 397 36.10 -56.88 -15.20
N LEU B 398 35.65 -55.90 -14.43
CA LEU B 398 35.46 -56.10 -13.00
C LEU B 398 33.99 -55.97 -12.60
N GLY B 399 33.21 -55.25 -13.40
CA GLY B 399 31.81 -55.05 -13.05
C GLY B 399 31.72 -53.96 -12.01
N GLU B 400 30.53 -53.41 -11.80
CA GLU B 400 30.39 -52.31 -10.85
C GLU B 400 30.97 -52.50 -9.45
N TYR B 401 30.47 -53.48 -8.71
CA TYR B 401 30.94 -53.76 -7.34
C TYR B 401 32.44 -53.78 -7.17
N LYS B 402 33.12 -54.59 -7.97
CA LYS B 402 34.57 -54.70 -7.86
C LYS B 402 35.23 -53.38 -8.25
N PHE B 403 34.64 -52.67 -9.20
CA PHE B 403 35.17 -51.40 -9.66
C PHE B 403 35.05 -50.39 -8.53
N GLN B 404 33.92 -50.40 -7.85
CA GLN B 404 33.71 -49.48 -6.73
C GLN B 404 34.69 -49.76 -5.60
N ASN B 405 35.08 -51.02 -5.40
CA ASN B 405 36.02 -51.36 -4.33
C ASN B 405 37.43 -50.86 -4.71
N ALA B 406 37.81 -51.02 -5.97
CA ALA B 406 39.12 -50.54 -6.41
C ALA B 406 39.22 -49.04 -6.15
N LEU B 407 38.15 -48.31 -6.47
CA LEU B 407 38.11 -46.87 -6.26
C LEU B 407 38.11 -46.50 -4.79
N LEU B 408 37.56 -47.39 -3.95
CA LEU B 408 37.51 -47.17 -2.51
C LEU B 408 38.89 -47.20 -1.87
N VAL B 409 39.68 -48.19 -2.28
CA VAL B 409 41.03 -48.36 -1.76
C VAL B 409 41.88 -47.20 -2.27
N ARG B 410 41.66 -46.84 -3.53
CA ARG B 410 42.40 -45.77 -4.15
C ARG B 410 42.18 -44.43 -3.45
N TYR B 411 40.93 -44.04 -3.25
CA TYR B 411 40.64 -42.72 -2.63
C TYR B 411 40.94 -42.63 -1.14
N THR B 412 40.70 -43.70 -0.40
CA THR B 412 41.02 -43.70 1.02
C THR B 412 42.53 -43.51 1.19
N LYS B 413 43.31 -44.07 0.27
CA LYS B 413 44.76 -43.90 0.32
C LYS B 413 45.11 -42.44 -0.01
N LYS B 414 44.45 -41.85 -1.01
CA LYS B 414 44.70 -40.46 -1.40
C LYS B 414 44.43 -39.49 -0.27
N VAL B 415 43.29 -39.66 0.41
CA VAL B 415 42.87 -38.78 1.50
C VAL B 415 42.31 -39.54 2.72
N PRO B 416 43.19 -40.26 3.46
CA PRO B 416 42.86 -41.06 4.64
C PRO B 416 42.12 -40.37 5.77
N GLN B 417 42.19 -39.04 5.86
CA GLN B 417 41.49 -38.34 6.94
C GLN B 417 39.98 -38.18 6.76
N VAL B 418 39.49 -38.26 5.52
CA VAL B 418 38.06 -38.09 5.29
C VAL B 418 37.25 -39.15 6.05
N SER B 419 36.07 -38.76 6.53
CA SER B 419 35.18 -39.66 7.26
C SER B 419 34.91 -40.92 6.44
N THR B 420 34.79 -42.05 7.11
CA THR B 420 34.55 -43.30 6.43
C THR B 420 33.22 -43.29 5.66
N PRO B 421 32.19 -42.67 6.22
CA PRO B 421 30.91 -42.64 5.51
C PRO B 421 30.98 -41.79 4.25
N THR B 422 31.72 -40.69 4.28
CA THR B 422 31.85 -39.84 3.09
C THR B 422 32.65 -40.57 2.00
N LEU B 423 33.69 -41.27 2.42
CA LEU B 423 34.50 -42.02 1.47
C LEU B 423 33.70 -43.10 0.76
N VAL B 424 32.84 -43.81 1.50
CA VAL B 424 32.02 -44.86 0.91
C VAL B 424 30.98 -44.27 -0.05
N GLU B 425 30.31 -43.21 0.37
CA GLU B 425 29.30 -42.56 -0.47
C GLU B 425 29.94 -42.04 -1.77
N VAL B 426 30.93 -41.16 -1.63
CA VAL B 426 31.61 -40.56 -2.77
C VAL B 426 32.18 -41.60 -3.71
N SER B 427 32.80 -42.64 -3.15
CA SER B 427 33.41 -43.68 -3.98
C SER B 427 32.40 -44.45 -4.78
N ARG B 428 31.35 -44.94 -4.13
CA ARG B 428 30.32 -45.71 -4.82
C ARG B 428 29.72 -44.86 -5.91
N ASN B 429 29.58 -43.56 -5.67
CA ASN B 429 29.03 -42.68 -6.70
C ASN B 429 30.02 -42.52 -7.85
N LEU B 430 31.30 -42.36 -7.55
CA LEU B 430 32.31 -42.25 -8.60
C LEU B 430 32.26 -43.50 -9.46
N GLY B 431 32.08 -44.65 -8.80
CA GLY B 431 32.04 -45.94 -9.48
C GLY B 431 30.88 -46.18 -10.43
N LYS B 432 29.81 -45.39 -10.29
CA LYS B 432 28.67 -45.56 -11.18
C LYS B 432 28.87 -44.93 -12.57
N VAL B 433 30.05 -44.37 -12.81
CA VAL B 433 30.38 -43.75 -14.10
C VAL B 433 30.52 -44.84 -15.13
N GLY B 434 30.93 -46.01 -14.65
CA GLY B 434 31.13 -47.14 -15.52
C GLY B 434 29.85 -47.53 -16.21
N SER B 435 28.77 -47.67 -15.45
CA SER B 435 27.52 -48.06 -16.06
C SER B 435 26.82 -46.88 -16.73
N LYS B 436 26.92 -45.71 -16.16
CA LYS B 436 26.28 -44.54 -16.74
C LYS B 436 26.92 -44.03 -18.05
N CYS B 437 28.22 -44.27 -18.24
CA CYS B 437 28.87 -43.71 -19.43
C CYS B 437 29.66 -44.64 -20.36
N CYS B 438 30.21 -45.74 -19.87
CA CYS B 438 31.01 -46.58 -20.73
C CYS B 438 30.34 -47.26 -21.90
N LYS B 439 29.02 -47.34 -21.89
CA LYS B 439 28.32 -47.99 -22.98
C LYS B 439 28.22 -47.12 -24.22
N HIS B 440 28.49 -45.82 -24.06
CA HIS B 440 28.42 -44.90 -25.19
C HIS B 440 29.54 -45.12 -26.19
N PRO B 441 29.37 -44.59 -27.42
CA PRO B 441 30.39 -44.73 -28.46
C PRO B 441 31.56 -43.85 -28.02
N GLU B 442 32.78 -44.31 -28.23
CA GLU B 442 33.96 -43.55 -27.83
C GLU B 442 33.90 -42.05 -28.14
N ALA B 443 32.79 -41.59 -28.72
CA ALA B 443 32.62 -40.17 -29.05
C ALA B 443 31.82 -39.38 -28.02
N LYS B 444 30.96 -40.05 -27.26
CA LYS B 444 30.16 -39.37 -26.26
C LYS B 444 30.58 -39.75 -24.85
N ARG B 445 31.76 -40.37 -24.73
CA ARG B 445 32.25 -40.80 -23.43
C ARG B 445 32.80 -39.72 -22.51
N MET B 446 33.67 -38.87 -23.02
CA MET B 446 34.26 -37.84 -22.19
C MET B 446 33.25 -36.87 -21.57
N PRO B 447 32.34 -36.31 -22.38
CA PRO B 447 31.39 -35.40 -21.73
C PRO B 447 30.60 -36.11 -20.65
N CYS B 448 30.14 -37.32 -20.94
CA CYS B 448 29.37 -38.09 -19.99
C CYS B 448 30.18 -38.34 -18.72
N ALA B 449 31.39 -38.87 -18.90
CA ALA B 449 32.27 -39.19 -17.80
C ALA B 449 32.83 -38.00 -17.00
N GLU B 450 33.60 -37.13 -17.65
CA GLU B 450 34.18 -36.03 -16.92
C GLU B 450 33.21 -35.05 -16.29
N ASP B 451 32.07 -34.84 -16.91
CA ASP B 451 31.13 -33.89 -16.33
C ASP B 451 30.43 -34.53 -15.14
N TYR B 452 30.20 -35.83 -15.22
CA TYR B 452 29.58 -36.53 -14.11
C TYR B 452 30.58 -36.61 -12.94
N LEU B 453 31.86 -36.87 -13.24
CA LEU B 453 32.87 -36.94 -12.18
C LEU B 453 32.98 -35.58 -11.48
N SER B 454 32.72 -34.51 -12.22
CA SER B 454 32.81 -33.20 -11.62
C SER B 454 31.68 -32.99 -10.64
N VAL B 455 30.53 -33.57 -10.94
CA VAL B 455 29.36 -33.49 -10.08
C VAL B 455 29.63 -34.26 -8.78
N VAL B 456 30.09 -35.51 -8.90
CA VAL B 456 30.38 -36.32 -7.72
C VAL B 456 31.46 -35.67 -6.87
N LEU B 457 32.57 -35.27 -7.49
CA LEU B 457 33.63 -34.62 -6.73
C LEU B 457 33.12 -33.38 -6.00
N ASN B 458 32.09 -32.73 -6.54
CA ASN B 458 31.54 -31.56 -5.86
C ASN B 458 30.94 -31.97 -4.51
N GLN B 459 30.35 -33.16 -4.46
CA GLN B 459 29.75 -33.70 -3.24
C GLN B 459 30.80 -33.82 -2.13
N LEU B 460 31.94 -34.45 -2.46
CA LEU B 460 33.02 -34.59 -1.50
C LEU B 460 33.37 -33.19 -1.01
N CYS B 461 33.57 -32.27 -1.93
CA CYS B 461 33.90 -30.90 -1.55
C CYS B 461 32.91 -30.23 -0.62
N VAL B 462 31.61 -30.32 -0.92
CA VAL B 462 30.65 -29.68 -0.03
C VAL B 462 30.53 -30.47 1.30
N LEU B 463 30.48 -31.79 1.23
CA LEU B 463 30.39 -32.56 2.47
C LEU B 463 31.59 -32.25 3.35
N HIS B 464 32.76 -32.10 2.73
CA HIS B 464 34.00 -31.82 3.42
C HIS B 464 34.17 -30.40 3.98
N GLU B 465 33.76 -29.39 3.23
CA GLU B 465 33.89 -28.01 3.68
C GLU B 465 33.24 -27.81 5.04
N LYS B 466 32.32 -28.70 5.39
CA LYS B 466 31.62 -28.65 6.66
C LYS B 466 32.67 -28.80 7.76
N THR B 467 33.20 -30.01 7.90
CA THR B 467 34.22 -30.28 8.92
C THR B 467 35.57 -30.58 8.23
N PRO B 468 36.30 -29.53 7.84
CA PRO B 468 37.59 -29.71 7.17
C PRO B 468 38.49 -30.63 7.98
N VAL B 469 39.10 -31.60 7.30
CA VAL B 469 39.96 -32.52 8.00
C VAL B 469 41.17 -32.87 7.13
N SER B 470 41.11 -32.49 5.85
CA SER B 470 42.18 -32.75 4.88
C SER B 470 42.55 -31.53 4.04
N ASP B 471 43.78 -31.06 4.23
CA ASP B 471 44.26 -29.90 3.48
C ASP B 471 44.34 -30.23 2.00
N ARG B 472 44.53 -31.51 1.68
CA ARG B 472 44.64 -31.92 0.28
C ARG B 472 43.25 -31.86 -0.38
N VAL B 473 42.20 -32.11 0.39
CA VAL B 473 40.85 -32.04 -0.14
C VAL B 473 40.56 -30.54 -0.31
N THR B 474 40.86 -29.74 0.71
CA THR B 474 40.61 -28.31 0.66
C THR B 474 41.24 -27.61 -0.53
N LYS B 475 42.53 -27.82 -0.70
CA LYS B 475 43.26 -27.22 -1.81
C LYS B 475 42.64 -27.56 -3.18
N CYS B 476 42.40 -28.84 -3.43
CA CYS B 476 41.82 -29.28 -4.69
C CYS B 476 40.41 -28.75 -4.92
N CYS B 477 39.66 -28.57 -3.83
CA CYS B 477 38.29 -28.10 -3.90
C CYS B 477 38.14 -26.61 -4.12
N THR B 478 39.05 -25.83 -3.56
CA THR B 478 38.94 -24.38 -3.65
C THR B 478 39.85 -23.67 -4.62
N GLU B 479 40.90 -24.33 -5.04
CA GLU B 479 41.86 -23.72 -5.95
C GLU B 479 41.31 -23.44 -7.33
N SER B 480 40.53 -24.38 -7.86
CA SER B 480 39.99 -24.22 -9.21
C SER B 480 38.81 -25.12 -9.52
N LEU B 481 37.67 -24.51 -9.82
CA LEU B 481 36.48 -25.28 -10.15
C LEU B 481 36.67 -26.30 -11.28
N VAL B 482 37.32 -25.86 -12.35
CA VAL B 482 37.55 -26.68 -13.53
C VAL B 482 38.65 -27.73 -13.47
N ASN B 483 39.62 -27.52 -12.60
CA ASN B 483 40.72 -28.47 -12.48
C ASN B 483 40.53 -29.45 -11.33
N ARG B 484 39.35 -29.44 -10.72
CA ARG B 484 39.07 -30.33 -9.61
C ARG B 484 39.37 -31.78 -9.92
N ARG B 485 38.89 -32.26 -11.06
CA ARG B 485 39.11 -33.65 -11.41
C ARG B 485 40.59 -33.97 -11.60
N PRO B 486 41.31 -33.14 -12.36
CA PRO B 486 42.74 -33.43 -12.55
C PRO B 486 43.52 -33.35 -11.25
N CYS B 487 43.13 -32.43 -10.38
CA CYS B 487 43.79 -32.24 -9.08
C CYS B 487 43.65 -33.53 -8.28
N PHE B 488 42.42 -34.01 -8.09
CA PHE B 488 42.21 -35.26 -7.37
C PHE B 488 42.91 -36.44 -8.06
N SER B 489 43.01 -36.39 -9.39
CA SER B 489 43.68 -37.46 -10.13
C SER B 489 45.18 -37.42 -9.89
N ALA B 490 45.72 -36.25 -9.60
CA ALA B 490 47.16 -36.15 -9.39
C ALA B 490 47.63 -36.62 -8.01
N LEU B 491 46.72 -36.78 -7.07
CA LEU B 491 47.08 -37.24 -5.72
C LEU B 491 47.29 -38.75 -5.75
N GLU B 492 48.32 -39.22 -5.05
CA GLU B 492 48.57 -40.65 -5.03
C GLU B 492 48.31 -41.22 -3.62
N VAL B 493 49.28 -41.10 -2.74
CA VAL B 493 49.11 -41.63 -1.39
C VAL B 493 49.62 -40.59 -0.43
N ASP B 494 48.85 -40.34 0.63
CA ASP B 494 49.24 -39.37 1.62
C ASP B 494 50.36 -40.01 2.47
N GLU B 495 51.57 -39.49 2.34
CA GLU B 495 52.72 -40.02 3.05
C GLU B 495 52.97 -39.42 4.42
N THR B 496 52.07 -38.57 4.89
CA THR B 496 52.27 -37.95 6.18
C THR B 496 51.22 -38.49 7.15
N TYR B 497 50.31 -39.31 6.61
CA TYR B 497 49.24 -39.91 7.37
C TYR B 497 49.72 -40.98 8.34
N VAL B 498 49.43 -40.80 9.62
CA VAL B 498 49.83 -41.78 10.62
C VAL B 498 48.71 -42.79 10.80
N PRO B 499 48.98 -44.06 10.50
CA PRO B 499 47.99 -45.14 10.64
C PRO B 499 47.34 -45.09 12.00
N LYS B 500 46.08 -45.51 12.07
CA LYS B 500 45.36 -45.49 13.33
C LYS B 500 45.28 -46.84 14.03
N GLU B 501 45.12 -46.79 15.35
CA GLU B 501 45.02 -47.99 16.19
C GLU B 501 43.67 -48.66 16.01
N PHE B 502 43.68 -50.00 15.99
CA PHE B 502 42.47 -50.78 15.84
C PHE B 502 41.44 -50.54 16.96
N ASN B 503 40.23 -50.14 16.57
CA ASN B 503 39.14 -49.91 17.53
C ASN B 503 38.21 -51.10 17.45
N ALA B 504 38.01 -51.78 18.58
CA ALA B 504 37.14 -52.95 18.63
C ALA B 504 35.80 -52.70 17.96
N GLU B 505 35.12 -51.65 18.40
CA GLU B 505 33.81 -51.27 17.88
C GLU B 505 33.81 -50.92 16.39
N THR B 506 35.00 -50.71 15.83
CA THR B 506 35.15 -50.37 14.42
C THR B 506 34.96 -51.59 13.50
N PHE B 507 35.43 -52.75 13.95
CA PHE B 507 35.30 -53.96 13.16
C PHE B 507 34.60 -55.07 13.91
N THR B 508 33.27 -55.03 13.94
CA THR B 508 32.46 -56.04 14.62
C THR B 508 31.14 -56.30 13.89
N PHE B 509 31.19 -57.17 12.88
CA PHE B 509 30.00 -57.52 12.11
C PHE B 509 29.19 -58.55 12.88
N HIS B 510 28.19 -58.08 13.62
CA HIS B 510 27.34 -58.95 14.43
C HIS B 510 26.45 -59.89 13.59
N ALA B 511 25.17 -59.94 13.94
CA ALA B 511 24.21 -60.78 13.22
C ALA B 511 23.06 -59.93 12.69
N ASP B 512 22.93 -58.71 13.20
CA ASP B 512 21.88 -57.80 12.77
C ASP B 512 22.18 -57.28 11.36
N ILE B 513 23.08 -57.97 10.67
CA ILE B 513 23.49 -57.63 9.32
C ILE B 513 22.96 -58.67 8.33
N CYS B 514 22.39 -59.74 8.86
CA CYS B 514 21.85 -60.83 8.04
C CYS B 514 20.47 -60.52 7.46
N THR B 515 19.73 -59.64 8.13
CA THR B 515 18.40 -59.26 7.67
C THR B 515 18.51 -57.95 6.92
N LEU B 516 19.60 -57.79 6.16
CA LEU B 516 19.84 -56.58 5.39
C LEU B 516 19.75 -56.78 3.88
N SER B 517 19.29 -55.75 3.18
CA SER B 517 19.18 -55.79 1.73
C SER B 517 20.53 -56.12 1.12
N GLU B 518 20.52 -56.61 -0.12
CA GLU B 518 21.76 -56.94 -0.82
C GLU B 518 22.70 -55.74 -0.78
N LYS B 519 22.17 -54.55 -1.06
CA LYS B 519 22.97 -53.33 -1.06
C LYS B 519 23.66 -53.11 0.29
N GLU B 520 22.86 -52.84 1.31
CA GLU B 520 23.38 -52.59 2.66
C GLU B 520 24.36 -53.66 3.13
N ARG B 521 24.39 -54.79 2.45
CA ARG B 521 25.28 -55.89 2.81
C ARG B 521 26.69 -55.64 2.23
N GLN B 522 26.74 -55.05 1.04
CA GLN B 522 28.01 -54.76 0.39
C GLN B 522 28.57 -53.45 0.91
N ILE B 523 27.69 -52.59 1.41
CA ILE B 523 28.11 -51.31 1.96
C ILE B 523 28.86 -51.58 3.25
N LYS B 524 28.48 -52.66 3.92
CA LYS B 524 29.14 -53.05 5.17
C LYS B 524 30.49 -53.62 4.77
N LYS B 525 30.50 -54.47 3.74
CA LYS B 525 31.73 -55.06 3.25
C LYS B 525 32.65 -53.98 2.68
N GLN B 526 32.12 -52.77 2.50
CA GLN B 526 32.91 -51.64 1.96
C GLN B 526 33.34 -50.68 3.07
N THR B 527 32.51 -50.58 4.11
CA THR B 527 32.79 -49.74 5.26
C THR B 527 33.96 -50.36 6.03
N ALA B 528 34.14 -51.66 5.87
CA ALA B 528 35.21 -52.37 6.55
C ALA B 528 36.48 -52.28 5.75
N LEU B 529 36.34 -52.25 4.43
CA LEU B 529 37.50 -52.15 3.57
C LEU B 529 38.14 -50.78 3.80
N VAL B 530 37.30 -49.75 3.98
CA VAL B 530 37.82 -48.42 4.24
C VAL B 530 38.65 -48.44 5.52
N GLU B 531 38.04 -48.88 6.63
CA GLU B 531 38.69 -48.94 7.94
C GLU B 531 40.02 -49.71 7.92
N LEU B 532 40.04 -50.82 7.19
CA LEU B 532 41.27 -51.59 7.07
C LEU B 532 42.35 -50.69 6.48
N VAL B 533 42.11 -50.22 5.25
CA VAL B 533 43.06 -49.35 4.55
C VAL B 533 43.53 -48.19 5.42
N LYS B 534 42.65 -47.66 6.27
CA LYS B 534 43.04 -46.58 7.13
C LYS B 534 44.09 -47.05 8.15
N HIS B 535 44.04 -48.33 8.51
CA HIS B 535 44.99 -48.89 9.47
C HIS B 535 46.22 -49.48 8.80
N LYS B 536 46.06 -50.01 7.59
CA LYS B 536 47.19 -50.57 6.84
C LYS B 536 47.34 -49.91 5.46
N PRO B 537 47.42 -48.57 5.43
CA PRO B 537 47.57 -47.79 4.20
C PRO B 537 48.55 -48.37 3.20
N LYS B 538 49.60 -49.01 3.73
CA LYS B 538 50.66 -49.57 2.90
C LYS B 538 50.26 -50.94 2.31
N ALA B 539 49.20 -51.54 2.84
CA ALA B 539 48.74 -52.83 2.36
C ALA B 539 48.70 -52.83 0.84
N THR B 540 48.81 -54.01 0.23
CA THR B 540 48.79 -54.12 -1.22
C THR B 540 47.38 -54.39 -1.72
N LYS B 541 47.05 -53.86 -2.89
CA LYS B 541 45.73 -54.06 -3.47
C LYS B 541 45.43 -55.56 -3.56
N GLU B 542 46.47 -56.38 -3.38
CA GLU B 542 46.35 -57.82 -3.42
C GLU B 542 45.78 -58.39 -2.12
N GLN B 543 46.62 -58.41 -1.08
CA GLN B 543 46.22 -58.95 0.22
C GLN B 543 44.90 -58.38 0.74
N LEU B 544 44.46 -57.27 0.18
CA LEU B 544 43.19 -56.66 0.59
C LEU B 544 42.06 -57.54 0.11
N LYS B 545 42.06 -57.85 -1.19
CA LYS B 545 41.03 -58.69 -1.78
C LYS B 545 40.94 -59.93 -0.91
N ALA B 546 42.07 -60.38 -0.39
CA ALA B 546 42.12 -61.56 0.47
C ALA B 546 41.19 -61.37 1.66
N VAL B 547 41.23 -60.18 2.25
CA VAL B 547 40.39 -59.89 3.41
C VAL B 547 38.94 -59.64 3.00
N MET B 548 38.75 -59.03 1.83
CA MET B 548 37.41 -58.77 1.34
C MET B 548 36.72 -60.09 1.02
N ASP B 549 37.49 -61.02 0.48
CA ASP B 549 36.99 -62.34 0.13
C ASP B 549 36.75 -63.13 1.40
N ASP B 550 37.68 -63.03 2.34
CA ASP B 550 37.55 -63.74 3.60
C ASP B 550 36.37 -63.22 4.43
N PHE B 551 36.22 -61.90 4.47
CA PHE B 551 35.13 -61.31 5.24
C PHE B 551 33.80 -61.64 4.58
N ALA B 552 33.86 -62.16 3.36
CA ALA B 552 32.65 -62.54 2.65
C ALA B 552 32.13 -63.77 3.37
N ALA B 553 33.05 -64.63 3.75
CA ALA B 553 32.72 -65.86 4.47
C ALA B 553 32.15 -65.51 5.84
N PHE B 554 32.84 -64.62 6.55
CA PHE B 554 32.43 -64.19 7.88
C PHE B 554 30.99 -63.71 7.98
N VAL B 555 30.28 -63.66 6.85
CA VAL B 555 28.89 -63.20 6.84
C VAL B 555 27.89 -64.35 6.66
N GLU B 556 28.10 -65.16 5.63
CA GLU B 556 27.20 -66.28 5.38
C GLU B 556 27.44 -67.40 6.39
N LYS B 557 28.71 -67.78 6.56
CA LYS B 557 29.08 -68.83 7.51
C LYS B 557 28.64 -68.47 8.93
N CYS B 558 28.38 -67.19 9.15
CA CYS B 558 27.97 -66.73 10.47
C CYS B 558 26.46 -66.47 10.53
N CYS B 559 25.82 -66.30 9.38
CA CYS B 559 24.38 -66.08 9.35
C CYS B 559 23.65 -67.42 9.30
N LYS B 560 24.43 -68.51 9.20
CA LYS B 560 23.87 -69.86 9.16
C LYS B 560 24.60 -70.79 10.13
N ALA B 561 24.76 -70.33 11.37
CA ALA B 561 25.43 -71.11 12.40
C ALA B 561 24.47 -71.46 13.54
N ASP B 562 23.19 -71.19 13.34
CA ASP B 562 22.16 -71.47 14.34
C ASP B 562 22.59 -70.97 15.72
N ASP B 563 23.37 -69.89 15.74
CA ASP B 563 23.85 -69.31 16.98
C ASP B 563 23.10 -68.03 17.33
N LYS B 564 23.56 -67.36 18.37
CA LYS B 564 22.94 -66.11 18.82
C LYS B 564 23.90 -64.96 18.51
N GLU B 565 25.19 -65.24 18.66
CA GLU B 565 26.25 -64.27 18.42
C GLU B 565 27.57 -65.00 18.62
N THR B 566 27.48 -66.33 18.63
CA THR B 566 28.63 -67.21 18.84
C THR B 566 29.75 -67.05 17.80
N CYS B 567 29.38 -66.74 16.55
CA CYS B 567 30.37 -66.57 15.49
C CYS B 567 30.77 -65.11 15.26
N PHE B 568 29.82 -64.20 15.43
CA PHE B 568 30.09 -62.77 15.24
C PHE B 568 30.86 -62.20 16.42
N ALA B 569 31.20 -63.08 17.36
CA ALA B 569 31.93 -62.67 18.56
C ALA B 569 33.16 -63.54 18.80
N GLU B 570 33.00 -64.85 18.62
CA GLU B 570 34.11 -65.78 18.83
C GLU B 570 34.74 -66.22 17.52
N GLU B 571 33.92 -66.30 16.48
CA GLU B 571 34.41 -66.70 15.16
C GLU B 571 34.71 -65.47 14.32
N GLY B 572 34.50 -64.30 14.92
CA GLY B 572 34.74 -63.04 14.23
C GLY B 572 36.03 -62.33 14.61
N LYS B 573 36.43 -62.46 15.87
CA LYS B 573 37.66 -61.81 16.35
C LYS B 573 38.87 -62.43 15.65
N LYS B 574 38.66 -63.60 15.05
CA LYS B 574 39.71 -64.31 14.34
C LYS B 574 40.10 -63.58 13.06
N LEU B 575 39.79 -62.29 13.00
CA LEU B 575 40.10 -61.48 11.83
C LEU B 575 40.97 -60.28 12.20
CHA BLA C . -14.25 27.00 -6.07
NA BLA C . -12.38 27.46 -7.64
C1A BLA C . -12.84 27.29 -6.35
C2A BLA C . -11.72 27.46 -5.38
C3A BLA C . -10.62 27.73 -6.15
C4A BLA C . -11.04 27.72 -7.57
CMA BLA C . -9.20 27.98 -5.64
CAA BLA C . -11.75 27.35 -3.83
CBA BLA C . -11.28 25.97 -3.27
CGA BLA C . -12.12 24.73 -3.65
O1A BLA C . -11.70 23.74 -4.27
O2A BLA C . -13.44 24.77 -3.26
CHB BLA C . -10.27 27.96 -8.75
NB BLA C . -8.15 28.78 -9.58
C1B BLA C . -8.89 27.76 -9.05
C2B BLA C . -8.05 26.52 -8.87
C3B BLA C . -6.77 26.87 -9.34
C4B BLA C . -6.89 28.27 -9.75
CMB BLA C . -8.51 25.18 -8.33
OB BLA C . -5.97 28.95 -10.22
CAB BLA C . -5.56 26.18 -9.43
CBB BLA C . -5.09 25.47 -10.55
NC BLA C . -14.27 26.28 -0.85
C1C BLA C . -13.82 25.81 0.36
C2C BLA C . -14.50 26.43 1.47
C3C BLA C . -15.38 27.29 0.92
C4C BLA C . -15.24 27.20 -0.60
CMC BLA C . -14.15 26.05 2.91
OC BLA C . -12.94 24.95 0.50
CAC BLA C . -16.28 28.12 1.64
CBC BLA C . -16.09 29.57 1.61
CHD BLA C . -15.96 27.91 -1.57
ND BLA C . -14.87 27.22 -3.68
C1D BLA C . -15.79 27.95 -2.96
C2D BLA C . -16.58 28.79 -3.84
C3D BLA C . -16.12 28.55 -5.14
C4D BLA C . -15.05 27.56 -5.01
CMD BLA C . -17.72 29.78 -3.44
CAD BLA C . -16.64 29.20 -6.45
CBD BLA C . -18.20 29.03 -6.64
CGD BLA C . -18.75 27.67 -6.20
O1D BLA C . -18.63 26.66 -6.91
O2D BLA C . -19.40 27.48 -5.00
CHA BLA D . 12.74 -42.82 0.28
NA BLA D . 10.93 -42.95 1.96
C1A BLA D . 11.43 -42.43 0.78
C2A BLA D . 10.43 -41.49 0.17
C3A BLA D . 9.37 -41.49 1.04
C4A BLA D . 9.68 -42.41 2.16
CMA BLA D . 8.09 -40.68 0.89
CAA BLA D . 10.54 -40.67 -1.13
CBA BLA D . 9.77 -41.31 -2.34
CGA BLA D . 10.51 -42.37 -3.16
O1A BLA D . 11.46 -43.08 -2.74
O2A BLA D . 10.07 -42.55 -4.46
CHB BLA D . 8.89 -42.74 3.30
NB BLA D . 6.90 -42.93 4.68
C1B BLA D . 7.48 -42.91 3.44
C2B BLA D . 6.45 -43.06 2.35
C3B BLA D . 5.23 -43.19 3.02
C4B BLA D . 5.56 -43.10 4.43
CMB BLA D . 6.69 -43.08 0.86
OB BLA D . 4.75 -43.17 5.36
CAB BLA D . 3.89 -43.36 2.60
CBB BLA D . 3.15 -44.53 2.65
NC BLA D . 12.72 -39.78 -4.19
C1C BLA D . 12.20 -39.01 -5.21
C2C BLA D . 13.13 -37.98 -5.63
C3C BLA D . 14.22 -38.13 -4.87
C4C BLA D . 13.97 -39.31 -3.92
CMC BLA D . 12.76 -37.00 -6.75
OC BLA D . 11.08 -39.16 -5.72
CAC BLA D . 15.39 -37.33 -4.97
CBC BLA D . 15.71 -36.43 -3.85
CHD BLA D . 14.87 -39.81 -2.96
ND BLA D . 13.54 -41.37 -1.58
C1D BLA D . 14.62 -40.55 -1.79
C2D BLA D . 15.51 -40.56 -0.64
C3D BLA D . 14.94 -41.42 0.30
C4D BLA D . 13.71 -41.91 -0.30
CMD BLA D . 16.85 -39.79 -0.49
CAD BLA D . 15.49 -41.78 1.71
CBD BLA D . 17.06 -41.68 1.79
CGD BLA D . 17.75 -42.59 0.78
O1D BLA D . 18.07 -42.19 -0.35
O2D BLA D . 18.07 -43.89 1.05
#